data_7F6N
#
_entry.id   7F6N
#
_cell.length_a   44.510
_cell.length_b   142.920
_cell.length_c   79.270
_cell.angle_alpha   90.000
_cell.angle_beta   100.510
_cell.angle_gamma   90.000
#
_symmetry.space_group_name_H-M   'P 1 21 1'
#
loop_
_entity.id
_entity.type
_entity.pdbx_description
1 polymer 'Iron ABC transporter, periplasmic iron-binding protein'
2 non-polymer 'MAGNESIUM ION'
3 non-polymer 'CITRIC ACID'
4 non-polymer DI(HYDROXYETHYL)ETHER
5 non-polymer 1,2-ETHANEDIOL
6 non-polymer R-1,2-PROPANEDIOL
7 water water
#
_entity_poly.entity_id   1
_entity_poly.type   'polypeptide(L)'
_entity_poly.pdbx_seq_one_letter_code
;MMQQSRPASDPQVVEAARKEGRLIIYSATDQSSAQALLDDFRKLYPFIQIEYNDLGTQAIYDRFVSETAAGASSADLLWS
SAMELQVKLASEGYALPYDSPEAKNWPANARLGNLAYSTTLEPAVVVYNKRFLKPEEVPTTREGLARLLQEPRMRGRVAT
WDPERSAVGFTILKADYDRFPAFQELARAFGKAQAALYSSTGAAFEKVISGEHYLAYGFFGSYALLRQRTVKDLGIAYLT
DGTVAIQRVAFINKRAAHPNAAKLFLDYLLSLRGQNLMAYTALIFARRETVVGEATPQALYKAVGGKDKVYAIPVSTEIL
KNLDPAERMRFLTFWRQAVRGQ
;
_entity_poly.pdbx_strand_id   A,B,C
#
loop_
_chem_comp.id
_chem_comp.type
_chem_comp.name
_chem_comp.formula
CIT non-polymer 'CITRIC ACID' 'C6 H8 O7'
EDO non-polymer 1,2-ETHANEDIOL 'C2 H6 O2'
MG non-polymer 'MAGNESIUM ION' 'Mg 2'
PEG non-polymer DI(HYDROXYETHYL)ETHER 'C4 H10 O3'
PGR non-polymer R-1,2-PROPANEDIOL 'C3 H8 O2'
#
# COMPACT_ATOMS: atom_id res chain seq x y z
N SER A 5 30.26 -14.44 -9.82
CA SER A 5 29.76 -15.23 -10.98
C SER A 5 29.64 -14.28 -12.18
N ARG A 6 28.86 -14.62 -13.20
CA ARG A 6 28.84 -13.88 -14.49
C ARG A 6 27.41 -13.46 -14.77
N PRO A 7 27.14 -12.17 -15.07
CA PRO A 7 25.79 -11.74 -15.45
C PRO A 7 25.26 -12.55 -16.66
N ALA A 8 23.96 -12.77 -16.70
CA ALA A 8 23.32 -13.65 -17.68
C ALA A 8 23.16 -12.99 -19.04
N SER A 9 23.81 -11.87 -19.35
CA SER A 9 23.72 -11.22 -20.70
C SER A 9 23.76 -12.25 -21.83
N ASP A 10 22.95 -12.10 -22.88
CA ASP A 10 22.91 -13.02 -24.05
C ASP A 10 24.31 -13.07 -24.68
N PRO A 11 24.84 -14.28 -25.02
CA PRO A 11 26.12 -14.39 -25.70
C PRO A 11 26.31 -13.40 -26.86
N GLN A 12 25.26 -13.20 -27.67
CA GLN A 12 25.36 -12.35 -28.88
C GLN A 12 25.51 -10.88 -28.47
N VAL A 13 24.95 -10.48 -27.34
CA VAL A 13 25.12 -9.13 -26.73
C VAL A 13 26.58 -8.95 -26.28
N VAL A 14 27.20 -10.00 -25.75
CA VAL A 14 28.61 -9.97 -25.28
C VAL A 14 29.51 -9.77 -26.51
N GLU A 15 29.20 -10.47 -27.61
CA GLU A 15 29.99 -10.41 -28.87
C GLU A 15 29.86 -9.04 -29.50
N ALA A 16 28.63 -8.55 -29.59
CA ALA A 16 28.30 -7.18 -30.06
C ALA A 16 29.01 -6.13 -29.21
N ALA A 17 29.04 -6.30 -27.88
CA ALA A 17 29.74 -5.33 -26.99
C ALA A 17 31.24 -5.36 -27.26
N ARG A 18 31.82 -6.54 -27.49
CA ARG A 18 33.25 -6.62 -27.88
C ARG A 18 33.46 -5.83 -29.18
N LYS A 19 32.56 -5.93 -30.15
CA LYS A 19 32.72 -5.25 -31.47
C LYS A 19 32.73 -3.73 -31.22
N GLU A 20 31.96 -3.23 -30.26
CA GLU A 20 31.90 -1.79 -29.89
C GLU A 20 33.16 -1.37 -29.12
N GLY A 21 33.47 -2.08 -28.05
CA GLY A 21 34.77 -1.95 -27.36
C GLY A 21 34.84 -0.77 -26.41
N ARG A 22 33.76 -0.03 -26.28
CA ARG A 22 33.77 1.26 -25.53
C ARG A 22 32.41 1.50 -24.89
N LEU A 23 32.42 2.25 -23.80
CA LEU A 23 31.22 2.53 -22.99
C LEU A 23 31.36 3.93 -22.43
N ILE A 24 30.51 4.86 -22.85
CA ILE A 24 30.44 6.25 -22.32
C ILE A 24 29.25 6.34 -21.36
N ILE A 25 29.56 6.64 -20.11
CA ILE A 25 28.62 6.73 -18.97
C ILE A 25 28.53 8.21 -18.55
N TYR A 26 27.30 8.74 -18.46
CA TYR A 26 26.97 9.99 -17.77
C TYR A 26 26.30 9.55 -16.48
N SER A 27 26.92 9.82 -15.35
CA SER A 27 26.42 9.31 -14.06
C SER A 27 26.55 10.40 -13.03
N ALA A 28 25.60 10.46 -12.09
CA ALA A 28 25.71 11.35 -10.91
C ALA A 28 26.43 10.64 -9.77
N THR A 29 26.70 9.33 -9.89
CA THR A 29 27.36 8.57 -8.83
C THR A 29 28.82 9.03 -8.74
N ASP A 30 29.15 9.66 -7.63
CA ASP A 30 30.51 10.13 -7.31
C ASP A 30 31.48 9.00 -7.67
N GLN A 31 32.51 9.33 -8.43
CA GLN A 31 33.44 8.30 -8.93
C GLN A 31 34.14 7.63 -7.75
N SER A 32 34.34 8.31 -6.62
CA SER A 32 34.93 7.60 -5.44
C SER A 32 34.11 6.33 -5.14
N SER A 33 32.78 6.38 -5.30
CA SER A 33 31.90 5.27 -4.92
C SER A 33 31.79 4.29 -6.11
N ALA A 34 31.72 4.78 -7.35
CA ALA A 34 31.45 3.98 -8.56
C ALA A 34 32.69 3.19 -8.95
N GLN A 35 33.88 3.60 -8.48
CA GLN A 35 35.13 3.16 -9.11
C GLN A 35 35.25 1.63 -9.03
N ALA A 36 34.99 1.03 -7.87
CA ALA A 36 35.16 -0.42 -7.68
C ALA A 36 34.24 -1.18 -8.67
N LEU A 37 33.06 -0.63 -8.96
CA LEU A 37 32.11 -1.26 -9.92
C LEU A 37 32.75 -1.26 -11.31
N LEU A 38 33.39 -0.14 -11.68
CA LEU A 38 34.04 0.01 -13.01
C LEU A 38 35.18 -1.01 -13.10
N ASP A 39 36.00 -1.13 -12.06
CA ASP A 39 37.19 -2.01 -11.98
C ASP A 39 36.74 -3.46 -12.17
N ASP A 40 35.68 -3.87 -11.46
CA ASP A 40 35.16 -5.25 -11.43
C ASP A 40 34.53 -5.59 -12.78
N PHE A 41 33.83 -4.64 -13.41
CA PHE A 41 33.21 -4.84 -14.74
C PHE A 41 34.32 -5.05 -15.78
N ARG A 42 35.38 -4.27 -15.68
CA ARG A 42 36.56 -4.38 -16.58
C ARG A 42 37.22 -5.75 -16.41
N LYS A 43 37.38 -6.25 -15.19
CA LYS A 43 37.83 -7.64 -14.93
C LYS A 43 36.98 -8.64 -15.72
N LEU A 44 35.68 -8.53 -15.59
CA LEU A 44 34.71 -9.41 -16.27
C LEU A 44 34.90 -9.29 -17.78
N TYR A 45 35.03 -8.07 -18.28
CA TYR A 45 34.99 -7.74 -19.73
C TYR A 45 36.12 -6.78 -20.09
N PRO A 46 37.37 -7.28 -20.17
CA PRO A 46 38.54 -6.41 -20.33
C PRO A 46 38.62 -5.68 -21.67
N PHE A 47 37.89 -6.14 -22.69
CA PHE A 47 37.84 -5.55 -24.05
C PHE A 47 36.90 -4.32 -24.07
N ILE A 48 36.37 -3.87 -22.92
CA ILE A 48 35.55 -2.63 -22.89
C ILE A 48 36.29 -1.56 -22.11
N GLN A 49 36.53 -0.43 -22.76
CA GLN A 49 37.19 0.74 -22.18
C GLN A 49 36.06 1.72 -21.82
N ILE A 50 36.05 2.10 -20.55
CA ILE A 50 34.98 2.90 -19.94
C ILE A 50 35.40 4.36 -19.86
N GLU A 51 34.56 5.25 -20.36
CA GLU A 51 34.63 6.72 -20.13
C GLU A 51 33.56 7.11 -19.09
N TYR A 52 34.00 7.49 -17.89
CA TYR A 52 33.08 7.81 -16.76
C TYR A 52 32.96 9.32 -16.63
N ASN A 53 31.78 9.88 -16.93
CA ASN A 53 31.53 11.34 -16.79
C ASN A 53 30.74 11.55 -15.51
N ASP A 54 31.45 11.91 -14.42
CA ASP A 54 30.91 12.19 -13.08
C ASP A 54 30.34 13.60 -13.18
N LEU A 55 29.02 13.76 -13.15
CA LEU A 55 28.33 15.03 -13.46
C LEU A 55 27.17 15.22 -12.49
N GLY A 56 26.73 16.47 -12.31
CA GLY A 56 25.50 16.77 -11.54
C GLY A 56 24.27 16.28 -12.29
N THR A 57 23.20 15.98 -11.58
CA THR A 57 21.96 15.40 -12.10
C THR A 57 21.35 16.32 -13.17
N GLN A 58 21.30 17.63 -12.91
CA GLN A 58 20.81 18.64 -13.86
C GLN A 58 21.73 18.70 -15.08
N ALA A 59 23.06 18.81 -14.89
CA ALA A 59 24.00 18.82 -16.04
C ALA A 59 23.83 17.57 -16.91
N ILE A 60 23.56 16.39 -16.33
CA ILE A 60 23.39 15.15 -17.11
C ILE A 60 22.20 15.34 -18.08
N TYR A 61 21.04 15.77 -17.57
CA TYR A 61 19.80 16.00 -18.33
C TYR A 61 20.04 17.04 -19.43
N ASP A 62 20.50 18.23 -19.05
CA ASP A 62 20.70 19.38 -19.99
C ASP A 62 21.63 18.98 -21.13
N ARG A 63 22.71 18.27 -20.80
CA ARG A 63 23.77 17.94 -21.77
C ARG A 63 23.29 16.86 -22.72
N PHE A 64 22.62 15.83 -22.21
CA PHE A 64 22.12 14.67 -23.00
C PHE A 64 21.03 15.16 -23.97
N VAL A 65 20.10 15.96 -23.48
CA VAL A 65 18.99 16.53 -24.29
C VAL A 65 19.57 17.45 -25.37
N SER A 66 20.50 18.29 -24.94
CA SER A 66 21.20 19.22 -25.84
C SER A 66 21.96 18.44 -26.93
N GLU A 67 22.74 17.43 -26.53
CA GLU A 67 23.59 16.67 -27.48
C GLU A 67 22.69 15.86 -28.42
N THR A 68 21.60 15.28 -27.91
CA THR A 68 20.64 14.50 -28.72
C THR A 68 20.03 15.39 -29.79
N ALA A 69 19.56 16.60 -29.45
CA ALA A 69 18.95 17.56 -30.40
C ALA A 69 19.97 17.99 -31.47
N ALA A 70 21.24 18.19 -31.12
CA ALA A 70 22.32 18.54 -32.07
C ALA A 70 22.67 17.35 -32.97
N GLY A 71 22.19 16.15 -32.65
CA GLY A 71 22.52 14.92 -33.41
C GLY A 71 23.90 14.36 -33.05
N ALA A 72 24.47 14.79 -31.92
CA ALA A 72 25.92 14.58 -31.60
C ALA A 72 26.18 13.24 -30.92
N SER A 73 27.48 12.94 -30.80
CA SER A 73 28.10 11.91 -29.91
C SER A 73 27.68 12.23 -28.48
N SER A 74 26.85 11.35 -27.91
CA SER A 74 26.35 11.42 -26.51
C SER A 74 26.70 10.12 -25.76
N ALA A 75 26.06 9.92 -24.62
CA ALA A 75 26.31 8.78 -23.70
C ALA A 75 25.75 7.50 -24.32
N ASP A 76 26.31 6.36 -23.91
CA ASP A 76 25.67 5.03 -24.14
C ASP A 76 24.68 4.78 -23.00
N LEU A 77 25.07 5.16 -21.78
CA LEU A 77 24.29 4.82 -20.56
C LEU A 77 24.23 6.02 -19.64
N LEU A 78 23.03 6.29 -19.12
CA LEU A 78 22.74 7.36 -18.12
C LEU A 78 22.37 6.72 -16.80
N TRP A 79 23.01 7.15 -15.75
CA TRP A 79 22.85 6.64 -14.37
C TRP A 79 22.74 7.82 -13.41
N SER A 80 21.56 8.08 -12.84
CA SER A 80 21.31 9.29 -12.02
C SER A 80 20.31 9.02 -10.90
N SER A 81 20.52 9.71 -9.78
CA SER A 81 19.72 9.70 -8.55
C SER A 81 18.53 10.68 -8.70
N ALA A 82 18.56 11.54 -9.73
CA ALA A 82 17.47 12.49 -10.02
C ALA A 82 16.40 11.69 -10.77
N MET A 83 15.58 11.00 -10.00
CA MET A 83 14.66 9.96 -10.48
C MET A 83 13.65 10.55 -11.48
N GLU A 84 13.08 11.73 -11.20
CA GLU A 84 12.09 12.38 -12.09
C GLU A 84 12.75 12.67 -13.45
N LEU A 85 13.95 13.21 -13.45
CA LEU A 85 14.67 13.55 -14.71
C LEU A 85 14.89 12.29 -15.55
N GLN A 86 15.36 11.22 -14.92
CA GLN A 86 15.61 9.94 -15.62
C GLN A 86 14.31 9.36 -16.16
N VAL A 87 13.24 9.33 -15.37
CA VAL A 87 11.95 8.75 -15.78
C VAL A 87 11.34 9.62 -16.88
N LYS A 88 11.59 10.92 -16.86
CA LYS A 88 11.13 11.82 -17.92
C LYS A 88 11.81 11.42 -19.22
N LEU A 89 13.14 11.34 -19.24
CA LEU A 89 13.89 11.05 -20.50
C LEU A 89 13.45 9.70 -21.05
N ALA A 90 13.39 8.71 -20.16
CA ALA A 90 13.12 7.31 -20.54
C ALA A 90 11.67 7.16 -21.00
N SER A 91 10.77 8.07 -20.64
CA SER A 91 9.35 7.95 -21.03
C SER A 91 9.05 8.88 -22.20
N GLU A 92 10.08 9.54 -22.76
CA GLU A 92 9.93 10.53 -23.86
C GLU A 92 10.77 10.11 -25.08
N GLY A 93 11.25 8.87 -25.16
CA GLY A 93 11.85 8.32 -26.39
C GLY A 93 13.35 8.42 -26.47
N TYR A 94 13.99 8.72 -25.34
CA TYR A 94 15.46 8.77 -25.22
C TYR A 94 16.04 7.38 -24.94
N ALA A 95 15.21 6.39 -24.57
CA ALA A 95 15.66 5.10 -24.03
C ALA A 95 15.57 3.98 -25.08
N LEU A 96 16.63 3.17 -25.12
CA LEU A 96 16.65 1.86 -25.81
C LEU A 96 15.88 0.87 -24.93
N PRO A 97 14.82 0.22 -25.47
CA PRO A 97 14.11 -0.80 -24.73
C PRO A 97 15.01 -2.04 -24.67
N TYR A 98 15.27 -2.57 -23.48
CA TYR A 98 16.01 -3.84 -23.29
C TYR A 98 15.48 -4.58 -22.06
N ASP A 99 15.02 -5.81 -22.30
CA ASP A 99 14.57 -6.77 -21.26
C ASP A 99 15.83 -7.32 -20.58
N SER A 100 16.34 -6.71 -19.51
CA SER A 100 17.56 -7.23 -18.85
C SER A 100 17.27 -8.61 -18.25
N PRO A 101 18.03 -9.66 -18.60
CA PRO A 101 17.84 -10.99 -18.00
C PRO A 101 18.22 -11.06 -16.50
N GLU A 102 18.83 -10.01 -15.97
CA GLU A 102 19.18 -9.88 -14.53
C GLU A 102 18.03 -9.22 -13.74
N ALA A 103 16.94 -8.85 -14.41
CA ALA A 103 15.87 -8.06 -13.79
C ALA A 103 14.57 -8.86 -13.74
N LYS A 104 14.64 -10.18 -13.96
CA LYS A 104 13.40 -11.00 -14.13
C LYS A 104 12.60 -10.91 -12.83
N ASN A 105 13.22 -10.62 -11.70
CA ASN A 105 12.51 -10.57 -10.40
C ASN A 105 12.38 -9.13 -9.91
N TRP A 106 12.71 -8.14 -10.74
CA TRP A 106 12.54 -6.71 -10.39
C TRP A 106 11.06 -6.41 -10.20
N PRO A 107 10.63 -5.80 -9.09
CA PRO A 107 9.25 -5.35 -8.98
C PRO A 107 8.93 -4.28 -10.05
N ALA A 108 7.67 -4.27 -10.53
CA ALA A 108 7.16 -3.40 -11.61
C ALA A 108 7.38 -1.93 -11.21
N ASN A 109 7.41 -1.63 -9.91
CA ASN A 109 7.64 -0.23 -9.44
C ASN A 109 9.13 0.08 -9.28
N ALA A 110 10.01 -0.79 -9.77
CA ALA A 110 11.49 -0.66 -9.72
C ALA A 110 12.05 -0.61 -11.14
N ARG A 111 11.17 -0.54 -12.13
CA ARG A 111 11.49 -0.52 -13.60
C ARG A 111 10.38 0.19 -14.37
N LEU A 112 10.71 0.81 -15.50
CA LEU A 112 9.77 1.42 -16.44
C LEU A 112 9.57 0.46 -17.62
N GLY A 113 8.74 -0.58 -17.48
CA GLY A 113 8.77 -1.75 -18.37
C GLY A 113 10.19 -2.21 -18.66
N ASN A 114 10.63 -2.09 -19.92
CA ASN A 114 12.01 -2.40 -20.38
C ASN A 114 12.81 -1.13 -20.68
N LEU A 115 12.32 0.04 -20.30
CA LEU A 115 12.98 1.32 -20.70
C LEU A 115 14.00 1.83 -19.67
N ALA A 116 13.81 1.55 -18.39
CA ALA A 116 14.72 2.04 -17.33
C ALA A 116 14.61 1.15 -16.09
N TYR A 117 15.65 1.09 -15.28
CA TYR A 117 15.73 0.18 -14.12
C TYR A 117 16.27 0.94 -12.89
N SER A 118 15.70 0.64 -11.71
CA SER A 118 16.31 0.86 -10.39
C SER A 118 17.59 0.07 -10.35
N THR A 119 18.62 0.65 -9.77
CA THR A 119 19.93 -0.03 -9.58
C THR A 119 20.31 -0.01 -8.09
N THR A 120 19.64 0.80 -7.26
CA THR A 120 19.94 0.93 -5.80
C THR A 120 18.66 1.23 -4.97
N LEU A 121 18.81 1.24 -3.63
CA LEU A 121 17.82 1.60 -2.60
C LEU A 121 18.56 2.39 -1.52
N GLU A 122 18.78 3.67 -1.82
CA GLU A 122 19.74 4.53 -1.09
C GLU A 122 18.95 5.45 -0.16
N PRO A 123 19.19 5.29 1.15
CA PRO A 123 18.50 6.07 2.17
C PRO A 123 19.05 7.49 2.28
N ALA A 124 18.14 8.43 2.48
CA ALA A 124 18.45 9.79 2.93
C ALA A 124 18.64 9.72 4.47
N VAL A 125 19.83 10.07 4.92
CA VAL A 125 20.27 9.87 6.33
C VAL A 125 20.75 11.20 6.90
N VAL A 126 21.09 11.18 8.17
CA VAL A 126 21.69 12.30 8.92
C VAL A 126 23.15 11.93 9.12
N VAL A 127 24.08 12.80 8.76
CA VAL A 127 25.50 12.57 9.10
C VAL A 127 25.89 13.73 10.03
N TYR A 128 26.87 13.51 10.90
CA TYR A 128 27.21 14.52 11.93
C TYR A 128 28.70 14.33 12.28
N ASN A 129 29.31 15.35 12.85
CA ASN A 129 30.74 15.28 13.25
C ASN A 129 30.77 14.98 14.76
N LYS A 130 31.20 13.78 15.11
CA LYS A 130 31.26 13.25 16.50
C LYS A 130 32.14 14.13 17.41
N ARG A 131 33.08 14.93 16.89
CA ARG A 131 33.83 15.91 17.73
C ARG A 131 32.83 16.94 18.32
N PHE A 132 31.72 17.22 17.65
CA PHE A 132 30.81 18.32 18.03
C PHE A 132 29.45 17.79 18.48
N LEU A 133 28.94 16.71 17.87
CA LEU A 133 27.68 16.06 18.29
C LEU A 133 27.96 14.58 18.60
N LYS A 134 27.85 14.23 19.87
CA LYS A 134 27.96 12.83 20.33
C LYS A 134 26.78 12.07 19.77
N PRO A 135 26.97 10.78 19.42
CA PRO A 135 25.85 9.93 19.01
C PRO A 135 24.58 10.05 19.86
N GLU A 136 24.73 10.05 21.20
CA GLU A 136 23.59 10.11 22.17
C GLU A 136 22.77 11.40 21.95
N GLU A 137 23.35 12.42 21.32
CA GLU A 137 22.74 13.77 21.16
C GLU A 137 21.95 13.85 19.84
N VAL A 138 22.12 12.92 18.92
CA VAL A 138 21.54 13.06 17.55
C VAL A 138 20.24 12.27 17.50
N PRO A 139 19.10 12.97 17.47
CA PRO A 139 17.80 12.32 17.38
C PRO A 139 17.68 11.61 16.04
N THR A 140 16.77 10.66 15.98
CA THR A 140 16.49 9.80 14.80
C THR A 140 15.09 10.10 14.27
N THR A 141 14.50 11.22 14.70
CA THR A 141 13.14 11.65 14.27
C THR A 141 13.18 13.09 13.78
N ARG A 142 12.27 13.43 12.89
CA ARG A 142 12.11 14.80 12.36
C ARG A 142 11.74 15.75 13.50
N GLU A 143 10.78 15.38 14.38
CA GLU A 143 10.37 16.18 15.57
C GLU A 143 11.60 16.40 16.48
N GLY A 144 12.37 15.34 16.74
CA GLY A 144 13.61 15.41 17.56
C GLY A 144 14.62 16.36 16.98
N LEU A 145 14.77 16.32 15.64
CA LEU A 145 15.80 17.15 14.97
C LEU A 145 15.31 18.59 14.98
N ALA A 146 14.01 18.79 14.96
CA ALA A 146 13.42 20.14 15.02
C ALA A 146 13.76 20.76 16.39
N ARG A 147 13.68 19.97 17.46
CA ARG A 147 14.00 20.39 18.86
C ARG A 147 15.49 20.71 18.97
N LEU A 148 16.37 19.83 18.45
CA LEU A 148 17.82 20.07 18.53
C LEU A 148 18.15 21.43 17.86
N LEU A 149 17.47 21.72 16.74
CA LEU A 149 17.80 22.92 15.92
C LEU A 149 17.23 24.19 16.57
N GLN A 150 16.55 24.10 17.71
CA GLN A 150 16.21 25.31 18.51
C GLN A 150 17.41 25.79 19.34
N GLU A 151 18.38 24.92 19.59
CA GLU A 151 19.51 25.23 20.52
C GLU A 151 20.41 26.27 19.84
N PRO A 152 20.84 27.31 20.60
CA PRO A 152 21.72 28.34 20.06
C PRO A 152 23.01 27.81 19.42
N ARG A 153 23.63 26.77 20.00
CA ARG A 153 24.83 26.10 19.44
C ARG A 153 24.59 25.57 18.00
N MET A 154 23.35 25.27 17.59
CA MET A 154 23.12 24.67 16.24
C MET A 154 22.97 25.76 15.18
N ARG A 155 22.81 27.03 15.58
CA ARG A 155 22.61 28.16 14.63
C ARG A 155 23.83 28.26 13.70
N GLY A 156 23.60 28.15 12.39
CA GLY A 156 24.66 28.17 11.38
C GLY A 156 25.46 26.86 11.37
N ARG A 157 24.98 25.80 12.02
CA ARG A 157 25.73 24.52 12.12
C ARG A 157 24.96 23.40 11.39
N VAL A 158 23.99 23.72 10.55
CA VAL A 158 23.16 22.70 9.87
C VAL A 158 23.33 22.81 8.35
N ALA A 159 23.44 21.69 7.66
CA ALA A 159 23.57 21.64 6.19
C ALA A 159 22.43 20.78 5.66
N THR A 160 21.83 21.16 4.55
CA THR A 160 20.89 20.26 3.86
C THR A 160 20.94 20.60 2.38
N TRP A 161 20.08 19.91 1.62
CA TRP A 161 19.90 20.12 0.17
C TRP A 161 19.41 21.54 -0.14
N ASP A 162 19.85 22.10 -1.26
CA ASP A 162 19.08 23.14 -1.98
C ASP A 162 18.24 22.46 -3.05
N PRO A 163 16.91 22.29 -2.85
CA PRO A 163 16.08 21.61 -3.83
C PRO A 163 15.80 22.45 -5.08
N GLU A 164 16.24 23.71 -5.07
CA GLU A 164 16.06 24.62 -6.21
C GLU A 164 17.30 24.51 -7.09
N ARG A 165 18.42 23.98 -6.61
CA ARG A 165 19.70 23.97 -7.39
C ARG A 165 20.18 22.54 -7.64
N SER A 166 19.68 21.52 -6.92
CA SER A 166 20.01 20.07 -7.14
C SER A 166 18.73 19.31 -7.50
N ALA A 167 18.72 18.55 -8.59
CA ALA A 167 17.45 17.88 -9.05
C ALA A 167 17.15 16.68 -8.11
N VAL A 168 18.20 16.05 -7.55
CA VAL A 168 18.00 14.96 -6.54
C VAL A 168 17.65 15.51 -5.15
N GLY A 169 18.24 16.64 -4.77
CA GLY A 169 17.82 17.33 -3.54
C GLY A 169 16.32 17.57 -3.60
N PHE A 170 15.80 17.95 -4.76
CA PHE A 170 14.33 18.08 -5.01
C PHE A 170 13.66 16.72 -4.79
N THR A 171 14.12 15.67 -5.46
CA THR A 171 13.51 14.32 -5.39
C THR A 171 13.37 13.92 -3.91
N ILE A 172 14.45 14.12 -3.15
CA ILE A 172 14.52 13.67 -1.74
C ILE A 172 13.63 14.54 -0.86
N LEU A 173 13.78 15.85 -0.91
CA LEU A 173 13.01 16.72 0.01
C LEU A 173 11.53 16.71 -0.37
N LYS A 174 11.20 16.58 -1.67
CA LYS A 174 9.80 16.46 -2.17
C LYS A 174 9.12 15.23 -1.57
N ALA A 175 9.76 14.07 -1.70
CA ALA A 175 9.28 12.78 -1.14
C ALA A 175 9.11 12.92 0.36
N ASP A 176 10.04 13.63 1.02
CA ASP A 176 10.03 13.80 2.50
C ASP A 176 8.78 14.61 2.85
N TYR A 177 8.56 15.73 2.16
CA TYR A 177 7.39 16.62 2.33
C TYR A 177 6.10 15.86 2.09
N ASP A 178 6.04 15.07 1.01
CA ASP A 178 4.80 14.32 0.63
C ASP A 178 4.45 13.30 1.73
N ARG A 179 5.44 12.60 2.26
CA ARG A 179 5.21 11.42 3.12
C ARG A 179 5.10 11.79 4.60
N PHE A 180 5.84 12.77 5.12
CA PHE A 180 6.01 13.00 6.58
C PHE A 180 5.51 14.40 6.94
N PRO A 181 4.35 14.52 7.64
CA PRO A 181 3.92 15.83 8.14
C PRO A 181 5.01 16.50 9.00
N ALA A 182 5.78 15.72 9.75
CA ALA A 182 6.79 16.27 10.69
C ALA A 182 7.91 16.94 9.89
N PHE A 183 8.04 16.67 8.59
CA PHE A 183 9.02 17.42 7.75
C PHE A 183 8.73 18.95 7.77
N GLN A 184 7.45 19.31 7.89
CA GLN A 184 7.04 20.75 7.92
C GLN A 184 7.69 21.42 9.14
N GLU A 185 7.58 20.81 10.31
CA GLU A 185 8.13 21.32 11.60
C GLU A 185 9.65 21.37 11.45
N LEU A 186 10.26 20.39 10.76
CA LEU A 186 11.75 20.31 10.64
C LEU A 186 12.23 21.42 9.73
N ALA A 187 11.62 21.59 8.55
CA ALA A 187 11.95 22.68 7.59
C ALA A 187 11.94 24.04 8.31
N ARG A 188 10.92 24.32 9.16
CA ARG A 188 10.87 25.61 9.92
C ARG A 188 12.08 25.68 10.87
N ALA A 189 12.55 24.56 11.41
CA ALA A 189 13.75 24.53 12.30
C ALA A 189 15.02 24.77 11.46
N PHE A 190 15.01 24.40 10.16
CA PHE A 190 16.11 24.74 9.23
C PHE A 190 16.22 26.27 9.12
N GLY A 191 15.07 26.95 9.12
CA GLY A 191 14.95 28.42 9.16
C GLY A 191 15.58 28.97 10.46
N LYS A 192 15.06 28.50 11.60
CA LYS A 192 15.48 28.86 12.95
C LYS A 192 17.00 28.76 13.07
N ALA A 193 17.59 27.66 12.58
CA ALA A 193 19.02 27.35 12.76
C ALA A 193 19.80 27.87 11.56
N GLN A 194 19.12 28.56 10.64
CA GLN A 194 19.76 29.20 9.46
C GLN A 194 20.60 28.16 8.73
N ALA A 195 20.03 26.98 8.48
CA ALA A 195 20.61 25.91 7.64
C ALA A 195 21.26 26.50 6.38
N ALA A 196 22.45 26.03 6.01
CA ALA A 196 23.03 26.32 4.68
C ALA A 196 22.59 25.21 3.70
N LEU A 197 22.33 25.57 2.45
CA LEU A 197 21.75 24.65 1.42
C LEU A 197 22.82 24.39 0.34
N TYR A 198 23.09 23.12 0.06
CA TYR A 198 24.15 22.71 -0.89
C TYR A 198 23.53 21.89 -2.04
N SER A 199 24.22 21.90 -3.17
CA SER A 199 23.73 21.28 -4.42
C SER A 199 24.45 19.95 -4.64
N SER A 200 25.35 19.55 -3.74
CA SER A 200 26.02 18.23 -3.80
C SER A 200 26.36 17.70 -2.40
N THR A 201 26.38 16.38 -2.25
CA THR A 201 26.78 15.72 -1.00
C THR A 201 28.19 16.15 -0.59
N GLY A 202 29.15 16.11 -1.52
CA GLY A 202 30.56 16.45 -1.30
C GLY A 202 30.71 17.80 -0.59
N ALA A 203 29.97 18.81 -1.03
CA ALA A 203 30.08 20.17 -0.48
C ALA A 203 29.48 20.18 0.93
N ALA A 204 28.38 19.47 1.20
CA ALA A 204 27.81 19.41 2.57
C ALA A 204 28.79 18.66 3.50
N PHE A 205 29.31 17.52 3.02
CA PHE A 205 30.19 16.65 3.82
C PHE A 205 31.45 17.42 4.24
N GLU A 206 32.07 18.21 3.35
CA GLU A 206 33.34 18.90 3.63
C GLU A 206 33.12 19.90 4.77
N LYS A 207 31.93 20.49 4.85
CA LYS A 207 31.56 21.43 5.93
C LYS A 207 31.39 20.69 7.27
N VAL A 208 30.84 19.48 7.26
CA VAL A 208 30.63 18.65 8.48
C VAL A 208 31.99 18.14 8.94
N ILE A 209 32.82 17.75 7.98
CA ILE A 209 34.21 17.25 8.27
C ILE A 209 35.04 18.38 8.91
N SER A 210 34.99 19.61 8.39
CA SER A 210 35.77 20.74 8.96
C SER A 210 35.16 21.24 10.29
N GLY A 211 33.92 20.88 10.61
CA GLY A 211 33.18 21.38 11.80
C GLY A 211 32.46 22.70 11.58
N GLU A 212 32.53 23.26 10.37
CA GLU A 212 31.81 24.51 10.01
C GLU A 212 30.30 24.26 10.18
N HIS A 213 29.84 23.03 9.91
CA HIS A 213 28.46 22.58 10.28
C HIS A 213 28.65 21.32 11.13
N TYR A 214 27.67 21.02 11.98
CA TYR A 214 27.75 19.85 12.90
C TYR A 214 26.94 18.70 12.32
N LEU A 215 26.04 18.96 11.39
CA LEU A 215 25.02 17.99 10.99
C LEU A 215 24.58 18.29 9.57
N ALA A 216 24.36 17.23 8.77
CA ALA A 216 23.80 17.37 7.41
C ALA A 216 22.59 16.44 7.29
N TYR A 217 21.49 16.95 6.75
CA TYR A 217 20.23 16.17 6.66
C TYR A 217 19.93 15.83 5.21
N GLY A 218 19.75 14.54 4.94
CA GLY A 218 19.07 14.07 3.71
C GLY A 218 20.04 13.59 2.64
N PHE A 219 21.34 13.53 2.92
CA PHE A 219 22.37 13.04 1.96
C PHE A 219 22.45 11.50 2.01
N PHE A 220 23.10 10.91 1.02
CA PHE A 220 23.03 9.47 0.69
C PHE A 220 23.81 8.66 1.73
N GLY A 221 23.17 7.65 2.29
CA GLY A 221 23.87 6.66 3.11
C GLY A 221 25.14 6.15 2.44
N SER A 222 25.08 5.87 1.13
CA SER A 222 26.21 5.32 0.34
C SER A 222 27.47 6.17 0.58
N TYR A 223 27.38 7.48 0.37
CA TYR A 223 28.56 8.38 0.42
C TYR A 223 29.05 8.51 1.87
N ALA A 224 28.11 8.53 2.81
CA ALA A 224 28.37 8.62 4.25
C ALA A 224 29.22 7.40 4.67
N LEU A 225 28.78 6.20 4.30
CA LEU A 225 29.51 4.94 4.59
C LEU A 225 30.95 5.04 4.06
N LEU A 226 31.09 5.36 2.78
CA LEU A 226 32.42 5.42 2.13
C LEU A 226 33.29 6.46 2.82
N ARG A 227 32.76 7.65 3.09
CA ARG A 227 33.60 8.72 3.69
C ARG A 227 34.05 8.35 5.11
N GLN A 228 33.21 7.65 5.89
CA GLN A 228 33.51 7.12 7.25
C GLN A 228 34.79 6.28 7.24
N ARG A 229 35.04 5.54 6.18
CA ARG A 229 36.22 4.62 6.15
C ARG A 229 37.47 5.48 6.22
N THR A 230 37.46 6.73 5.77
CA THR A 230 38.65 7.61 5.88
C THR A 230 38.48 8.67 6.98
N VAL A 231 37.25 8.95 7.44
CA VAL A 231 36.97 10.04 8.42
C VAL A 231 36.20 9.43 9.59
N LYS A 232 36.95 9.02 10.61
CA LYS A 232 36.45 8.36 11.84
C LYS A 232 35.53 9.32 12.60
N ASP A 233 35.66 10.65 12.48
CA ASP A 233 34.74 11.57 13.19
C ASP A 233 33.34 11.66 12.54
N LEU A 234 33.12 11.06 11.38
CA LEU A 234 31.81 11.14 10.69
C LEU A 234 30.87 10.10 11.31
N GLY A 235 29.77 10.54 11.91
CA GLY A 235 28.70 9.65 12.39
C GLY A 235 27.53 9.60 11.42
N ILE A 236 26.75 8.54 11.45
CA ILE A 236 25.51 8.41 10.61
C ILE A 236 24.35 8.09 11.56
N ALA A 237 23.22 8.80 11.49
CA ALA A 237 21.95 8.39 12.14
C ALA A 237 20.89 8.10 11.06
N TYR A 238 20.11 7.04 11.24
CA TYR A 238 18.99 6.64 10.34
C TYR A 238 17.67 7.12 10.97
N LEU A 239 16.72 7.60 10.16
CA LEU A 239 15.42 8.12 10.66
C LEU A 239 14.45 6.98 10.93
N THR A 240 14.03 6.86 12.20
CA THR A 240 13.16 5.81 12.75
C THR A 240 11.68 6.18 12.62
N ASP A 241 11.37 7.46 12.35
CA ASP A 241 9.99 7.91 12.07
C ASP A 241 9.70 7.65 10.59
N GLY A 242 10.74 7.48 9.76
CA GLY A 242 10.57 7.09 8.36
C GLY A 242 11.74 7.54 7.53
N THR A 243 12.21 6.69 6.65
CA THR A 243 13.38 6.96 5.79
C THR A 243 12.92 6.95 4.31
N VAL A 244 13.32 8.01 3.60
CA VAL A 244 13.19 8.14 2.13
C VAL A 244 14.40 7.40 1.56
N ALA A 245 14.14 6.55 0.57
CA ALA A 245 15.16 5.90 -0.25
C ALA A 245 14.90 6.28 -1.71
N ILE A 246 15.96 6.74 -2.38
CA ILE A 246 15.92 6.92 -3.87
C ILE A 246 16.39 5.59 -4.46
N GLN A 247 16.02 5.33 -5.69
CA GLN A 247 16.51 4.24 -6.56
C GLN A 247 17.21 4.91 -7.74
N ARG A 248 18.53 4.88 -7.79
CA ARG A 248 19.32 5.39 -8.94
C ARG A 248 18.85 4.69 -10.21
N VAL A 249 18.37 5.44 -11.17
CA VAL A 249 17.83 4.89 -12.47
C VAL A 249 18.93 4.89 -13.52
N ALA A 250 19.13 3.73 -14.13
CA ALA A 250 19.98 3.55 -15.32
C ALA A 250 19.05 3.29 -16.53
N PHE A 251 19.33 3.94 -17.62
CA PHE A 251 18.74 3.56 -18.93
C PHE A 251 19.79 3.72 -20.02
N ILE A 252 19.55 2.99 -21.11
CA ILE A 252 20.43 3.02 -22.32
C ILE A 252 19.93 4.08 -23.29
N ASN A 253 20.85 4.86 -23.85
CA ASN A 253 20.60 5.84 -24.92
C ASN A 253 20.15 5.10 -26.19
N LYS A 254 18.93 5.36 -26.62
CA LYS A 254 18.36 4.81 -27.86
C LYS A 254 19.38 5.00 -28.97
N ARG A 255 20.04 6.16 -29.00
CA ARG A 255 20.99 6.54 -30.06
C ARG A 255 22.44 6.23 -29.64
N ALA A 256 22.63 5.35 -28.67
CA ALA A 256 23.99 4.97 -28.20
C ALA A 256 24.82 4.51 -29.40
N ALA A 257 26.09 4.91 -29.45
CA ALA A 257 27.05 4.33 -30.42
C ALA A 257 27.40 2.91 -29.97
N HIS A 258 27.29 2.64 -28.66
CA HIS A 258 27.71 1.34 -28.08
C HIS A 258 26.56 0.76 -27.27
N PRO A 259 25.41 0.42 -27.91
CA PRO A 259 24.24 -0.05 -27.18
C PRO A 259 24.49 -1.36 -26.41
N ASN A 260 25.31 -2.26 -26.94
CA ASN A 260 25.51 -3.60 -26.35
C ASN A 260 26.47 -3.49 -25.15
N ALA A 261 27.49 -2.64 -25.23
CA ALA A 261 28.35 -2.32 -24.06
C ALA A 261 27.45 -1.83 -22.94
N ALA A 262 26.47 -0.99 -23.26
CA ALA A 262 25.53 -0.41 -22.25
C ALA A 262 24.67 -1.53 -21.64
N LYS A 263 24.15 -2.42 -22.48
CA LYS A 263 23.41 -3.62 -22.04
C LYS A 263 24.26 -4.42 -21.06
N LEU A 264 25.52 -4.69 -21.37
CA LEU A 264 26.38 -5.52 -20.49
C LEU A 264 26.52 -4.80 -19.16
N PHE A 265 26.70 -3.47 -19.18
CA PHE A 265 26.93 -2.74 -17.92
C PHE A 265 25.63 -2.73 -17.10
N LEU A 266 24.50 -2.52 -17.74
CA LEU A 266 23.20 -2.49 -17.03
C LEU A 266 23.00 -3.86 -16.38
N ASP A 267 23.18 -4.95 -17.13
CA ASP A 267 23.09 -6.35 -16.62
C ASP A 267 24.04 -6.52 -15.43
N TYR A 268 25.25 -6.03 -15.55
CA TYR A 268 26.26 -6.10 -14.47
C TYR A 268 25.69 -5.41 -13.23
N LEU A 269 25.18 -4.18 -13.38
CA LEU A 269 24.68 -3.40 -12.23
C LEU A 269 23.58 -4.21 -11.53
N LEU A 270 22.73 -4.93 -12.26
CA LEU A 270 21.51 -5.55 -11.71
C LEU A 270 21.82 -6.95 -11.20
N SER A 271 22.93 -7.52 -11.65
CA SER A 271 23.34 -8.90 -11.32
C SER A 271 23.62 -9.03 -9.82
N LEU A 272 23.57 -10.26 -9.31
CA LEU A 272 24.06 -10.65 -7.96
C LEU A 272 25.48 -10.13 -7.72
N ARG A 273 26.38 -10.38 -8.67
CA ARG A 273 27.79 -9.95 -8.59
C ARG A 273 27.87 -8.43 -8.40
N GLY A 274 27.22 -7.66 -9.26
CA GLY A 274 27.29 -6.19 -9.17
C GLY A 274 26.62 -5.64 -7.94
N GLN A 275 25.52 -6.27 -7.51
CA GLN A 275 24.73 -5.82 -6.34
C GLN A 275 25.55 -6.14 -5.07
N ASN A 276 26.29 -7.25 -5.06
CA ASN A 276 27.13 -7.61 -3.89
C ASN A 276 28.32 -6.69 -3.84
N LEU A 277 28.93 -6.39 -4.97
CA LEU A 277 30.08 -5.46 -5.00
C LEU A 277 29.62 -4.08 -4.54
N MET A 278 28.44 -3.64 -4.94
CA MET A 278 27.83 -2.42 -4.37
C MET A 278 27.81 -2.54 -2.84
N ALA A 279 27.23 -3.61 -2.29
CA ALA A 279 26.89 -3.71 -0.85
C ALA A 279 28.17 -3.77 -0.02
N TYR A 280 29.18 -4.42 -0.56
CA TYR A 280 30.36 -4.93 0.16
C TYR A 280 31.52 -3.97 -0.03
N THR A 281 31.82 -3.59 -1.27
CA THR A 281 33.08 -2.90 -1.64
C THR A 281 32.82 -1.42 -1.96
N ALA A 282 31.85 -1.08 -2.80
CA ALA A 282 31.55 0.33 -3.18
C ALA A 282 30.82 1.07 -2.04
N LEU A 283 30.21 0.31 -1.14
CA LEU A 283 29.34 0.83 -0.07
C LEU A 283 28.23 1.71 -0.68
N ILE A 284 27.69 1.29 -1.84
CA ILE A 284 26.41 1.82 -2.42
C ILE A 284 25.27 0.92 -1.97
N PHE A 285 24.25 1.48 -1.34
CA PHE A 285 23.11 0.69 -0.80
C PHE A 285 22.40 -0.07 -1.95
N ALA A 286 22.58 -1.36 -2.02
CA ALA A 286 22.07 -2.21 -3.13
C ALA A 286 20.53 -2.27 -3.16
N ARG A 287 19.99 -2.63 -4.34
CA ARG A 287 18.54 -2.86 -4.59
C ARG A 287 18.17 -4.31 -4.20
N ARG A 288 18.95 -5.32 -4.56
CA ARG A 288 18.62 -6.74 -4.24
C ARG A 288 18.76 -6.95 -2.73
N GLU A 289 17.81 -7.66 -2.15
CA GLU A 289 17.77 -8.01 -0.71
C GLU A 289 18.68 -9.21 -0.42
N THR A 290 19.20 -9.92 -1.43
CA THR A 290 20.13 -11.06 -1.27
C THR A 290 21.60 -10.63 -1.40
N VAL A 291 22.03 -9.61 -0.69
CA VAL A 291 23.45 -9.14 -0.76
C VAL A 291 24.02 -9.19 0.65
N VAL A 292 25.34 -9.14 0.71
CA VAL A 292 26.14 -9.13 1.96
C VAL A 292 27.07 -7.93 1.96
N GLY A 293 27.12 -7.24 3.09
CA GLY A 293 28.04 -6.13 3.33
C GLY A 293 27.38 -5.10 4.22
N GLU A 294 27.87 -3.86 4.16
CA GLU A 294 27.39 -2.77 5.05
C GLU A 294 26.15 -2.09 4.42
N ALA A 295 26.10 -2.04 3.09
CA ALA A 295 25.20 -1.19 2.31
C ALA A 295 24.16 -2.09 1.67
N THR A 296 23.25 -2.62 2.49
CA THR A 296 22.23 -3.60 2.08
C THR A 296 20.85 -3.17 2.56
N PRO A 297 19.77 -3.61 1.88
CA PRO A 297 18.43 -3.38 2.40
C PRO A 297 18.28 -3.84 3.86
N GLN A 298 18.70 -5.07 4.16
CA GLN A 298 18.61 -5.63 5.54
C GLN A 298 19.29 -4.70 6.57
N ALA A 299 20.45 -4.11 6.28
CA ALA A 299 21.13 -3.15 7.20
C ALA A 299 20.25 -1.90 7.37
N LEU A 300 19.67 -1.40 6.28
CA LEU A 300 18.80 -0.19 6.32
C LEU A 300 17.56 -0.47 7.18
N TYR A 301 16.85 -1.55 6.89
CA TYR A 301 15.61 -1.97 7.60
C TYR A 301 15.91 -2.10 9.09
N LYS A 302 17.04 -2.71 9.44
CA LYS A 302 17.45 -2.93 10.84
C LYS A 302 17.61 -1.55 11.52
N ALA A 303 18.35 -0.62 10.90
CA ALA A 303 18.71 0.69 11.50
C ALA A 303 17.47 1.57 11.76
N VAL A 304 16.46 1.49 10.88
CA VAL A 304 15.26 2.35 10.97
C VAL A 304 14.12 1.63 11.70
N GLY A 305 14.27 0.36 12.03
CA GLY A 305 13.24 -0.39 12.79
C GLY A 305 12.18 -0.99 11.88
N GLY A 306 12.53 -1.39 10.65
CA GLY A 306 11.68 -2.23 9.80
C GLY A 306 11.53 -1.73 8.37
N LYS A 307 11.41 -2.66 7.44
CA LYS A 307 11.18 -2.35 6.00
C LYS A 307 9.97 -1.41 5.85
N ASP A 308 8.98 -1.48 6.74
CA ASP A 308 7.75 -0.67 6.65
C ASP A 308 8.05 0.81 6.98
N LYS A 309 9.20 1.15 7.54
CA LYS A 309 9.58 2.54 7.86
C LYS A 309 10.31 3.16 6.65
N VAL A 310 10.43 2.43 5.54
CA VAL A 310 11.16 2.94 4.35
C VAL A 310 10.15 3.27 3.23
N TYR A 311 10.13 4.52 2.77
CA TYR A 311 9.45 4.94 1.52
C TYR A 311 10.48 4.93 0.38
N ALA A 312 10.50 3.82 -0.35
CA ALA A 312 11.25 3.68 -1.61
C ALA A 312 10.49 4.43 -2.68
N ILE A 313 11.04 5.50 -3.24
CA ILE A 313 10.38 6.26 -4.34
C ILE A 313 10.31 5.34 -5.57
N PRO A 314 9.13 5.09 -6.15
CA PRO A 314 9.03 4.14 -7.26
C PRO A 314 9.71 4.67 -8.53
N VAL A 315 10.26 3.74 -9.32
CA VAL A 315 10.68 4.03 -10.72
C VAL A 315 9.41 3.90 -11.57
N SER A 316 8.68 4.99 -11.68
CA SER A 316 7.29 5.06 -12.26
C SER A 316 7.07 6.40 -12.94
N THR A 317 6.32 6.43 -14.02
CA THR A 317 5.85 7.66 -14.67
C THR A 317 4.97 8.45 -13.70
N GLU A 318 4.36 7.84 -12.69
CA GLU A 318 3.55 8.61 -11.71
C GLU A 318 4.40 9.66 -11.02
N ILE A 319 5.71 9.52 -10.91
CA ILE A 319 6.54 10.51 -10.13
C ILE A 319 6.75 11.77 -10.97
N LEU A 320 6.39 11.76 -12.26
CA LEU A 320 6.45 12.99 -13.08
C LEU A 320 5.45 14.02 -12.49
N LYS A 321 4.52 13.60 -11.65
CA LYS A 321 3.64 14.56 -10.95
C LYS A 321 4.49 15.56 -10.15
N ASN A 322 5.72 15.24 -9.71
CA ASN A 322 6.52 16.21 -8.93
C ASN A 322 7.08 17.34 -9.84
N LEU A 323 6.99 17.19 -11.18
CA LEU A 323 7.44 18.23 -12.14
C LEU A 323 6.22 19.01 -12.62
N ASP A 324 5.00 18.71 -12.13
CA ASP A 324 3.80 19.50 -12.48
C ASP A 324 3.97 20.90 -11.89
N PRO A 325 3.73 21.98 -12.67
CA PRO A 325 3.92 23.35 -12.17
C PRO A 325 3.29 23.59 -10.78
N ALA A 326 2.01 23.24 -10.60
CA ALA A 326 1.24 23.52 -9.37
C ALA A 326 1.83 22.75 -8.20
N GLU A 327 2.23 21.51 -8.45
CA GLU A 327 2.86 20.61 -7.43
C GLU A 327 4.23 21.16 -7.00
N ARG A 328 5.08 21.54 -7.97
CA ARG A 328 6.42 22.12 -7.72
C ARG A 328 6.26 23.38 -6.86
N MET A 329 5.30 24.24 -7.26
CA MET A 329 5.04 25.55 -6.64
C MET A 329 4.69 25.34 -5.17
N ARG A 330 3.76 24.45 -4.85
CA ARG A 330 3.29 24.31 -3.44
C ARG A 330 4.47 23.88 -2.57
N PHE A 331 5.30 22.96 -3.07
CA PHE A 331 6.45 22.47 -2.29
C PHE A 331 7.48 23.61 -2.17
N LEU A 332 7.90 24.25 -3.27
CA LEU A 332 9.01 25.23 -3.21
C LEU A 332 8.59 26.50 -2.46
N THR A 333 7.31 26.88 -2.56
CA THR A 333 6.76 28.03 -1.80
C THR A 333 6.81 27.70 -0.31
N PHE A 334 6.41 26.48 0.09
CA PHE A 334 6.44 26.09 1.51
C PHE A 334 7.88 26.14 2.00
N TRP A 335 8.78 25.55 1.22
CA TRP A 335 10.23 25.39 1.55
C TRP A 335 10.91 26.74 1.76
N ARG A 336 10.80 27.61 0.77
CA ARG A 336 11.42 28.95 0.77
C ARG A 336 10.96 29.72 1.99
N GLN A 337 9.65 29.79 2.25
CA GLN A 337 9.13 30.50 3.45
C GLN A 337 9.81 29.85 4.68
N ALA A 338 9.73 28.53 4.83
CA ALA A 338 10.19 27.77 6.03
C ALA A 338 11.67 28.01 6.34
N VAL A 339 12.56 27.93 5.35
CA VAL A 339 14.04 27.91 5.58
C VAL A 339 14.69 29.30 5.50
N ARG A 340 13.98 30.39 5.19
CA ARG A 340 14.53 31.77 5.25
C ARG A 340 14.01 32.51 6.49
N SER B 5 -14.58 22.85 -32.56
CA SER B 5 -13.18 23.31 -32.55
C SER B 5 -12.37 22.48 -33.56
N ARG B 6 -11.06 22.69 -33.61
CA ARG B 6 -10.08 21.92 -34.43
C ARG B 6 -8.94 21.55 -33.50
N PRO B 7 -8.49 20.28 -33.44
CA PRO B 7 -7.34 19.95 -32.58
C PRO B 7 -6.14 20.84 -32.94
N ALA B 8 -5.20 21.01 -32.02
CA ALA B 8 -4.04 21.89 -32.18
C ALA B 8 -2.88 21.10 -32.81
N SER B 9 -3.11 20.10 -33.67
CA SER B 9 -2.01 19.37 -34.34
C SER B 9 -1.15 20.35 -35.15
N ASP B 10 0.18 20.17 -35.16
CA ASP B 10 1.13 20.92 -36.02
C ASP B 10 0.72 20.83 -37.50
N PRO B 11 0.66 21.96 -38.22
CA PRO B 11 0.40 21.95 -39.65
C PRO B 11 1.28 20.95 -40.43
N GLN B 12 2.55 20.75 -40.04
CA GLN B 12 3.46 19.88 -40.83
C GLN B 12 3.01 18.42 -40.70
N VAL B 13 2.42 18.09 -39.55
CA VAL B 13 1.85 16.74 -39.25
C VAL B 13 0.62 16.55 -40.15
N VAL B 14 -0.18 17.59 -40.33
CA VAL B 14 -1.39 17.57 -41.20
C VAL B 14 -0.97 17.30 -42.64
N GLU B 15 0.09 17.96 -43.11
CA GLU B 15 0.58 17.83 -44.51
C GLU B 15 1.10 16.40 -44.72
N ALA B 16 1.93 15.94 -43.78
CA ALA B 16 2.48 14.57 -43.77
C ALA B 16 1.33 13.56 -43.78
N ALA B 17 0.28 13.79 -42.98
CA ALA B 17 -0.88 12.87 -42.90
C ALA B 17 -1.62 12.84 -44.23
N ARG B 18 -1.77 13.99 -44.89
CA ARG B 18 -2.39 14.03 -46.24
C ARG B 18 -1.55 13.16 -47.20
N LYS B 19 -0.21 13.19 -47.12
CA LYS B 19 0.66 12.38 -48.01
C LYS B 19 0.43 10.88 -47.73
N GLU B 20 0.23 10.50 -46.47
CA GLU B 20 -0.03 9.09 -46.03
C GLU B 20 -1.43 8.63 -46.53
N GLY B 21 -2.46 9.42 -46.22
CA GLY B 21 -3.81 9.27 -46.78
C GLY B 21 -4.60 8.20 -46.05
N ARG B 22 -4.05 7.57 -45.02
CA ARG B 22 -4.61 6.30 -44.49
C ARG B 22 -4.26 6.17 -43.00
N LEU B 23 -5.13 5.50 -42.25
CA LEU B 23 -5.03 5.30 -40.81
C LEU B 23 -5.61 3.94 -40.47
N ILE B 24 -4.77 3.00 -40.03
CA ILE B 24 -5.18 1.63 -39.56
C ILE B 24 -5.18 1.62 -38.04
N ILE B 25 -6.36 1.42 -37.47
CA ILE B 25 -6.68 1.37 -36.03
C ILE B 25 -6.97 -0.09 -35.63
N TYR B 26 -6.28 -0.59 -34.62
CA TYR B 26 -6.72 -1.81 -33.86
C TYR B 26 -7.28 -1.29 -32.56
N SER B 27 -8.57 -1.50 -32.32
CA SER B 27 -9.23 -0.93 -31.13
C SER B 27 -10.15 -1.98 -30.57
N ALA B 28 -10.27 -1.99 -29.24
CA ALA B 28 -11.28 -2.80 -28.54
C ALA B 28 -12.60 -2.01 -28.41
N THR B 29 -12.63 -0.73 -28.74
CA THR B 29 -13.85 0.07 -28.62
C THR B 29 -14.86 -0.38 -29.70
N ASP B 30 -15.98 -0.93 -29.26
CA ASP B 30 -17.06 -1.42 -30.14
C ASP B 30 -17.34 -0.33 -31.17
N GLN B 31 -17.40 -0.72 -32.44
CA GLN B 31 -17.57 0.26 -33.55
C GLN B 31 -18.89 1.02 -33.39
N SER B 32 -19.92 0.40 -32.83
CA SER B 32 -21.20 1.13 -32.56
C SER B 32 -20.90 2.35 -31.71
N SER B 33 -19.97 2.29 -30.77
CA SER B 33 -19.63 3.43 -29.87
C SER B 33 -18.65 4.37 -30.57
N ALA B 34 -17.64 3.84 -31.27
CA ALA B 34 -16.56 4.66 -31.86
C ALA B 34 -17.02 5.40 -33.11
N GLN B 35 -18.16 5.01 -33.73
CA GLN B 35 -18.48 5.39 -35.12
C GLN B 35 -18.57 6.91 -35.24
N ALA B 36 -19.29 7.59 -34.34
CA ALA B 36 -19.44 9.06 -34.36
C ALA B 36 -18.06 9.75 -34.35
N LEU B 37 -17.09 9.19 -33.60
CA LEU B 37 -15.73 9.79 -33.54
C LEU B 37 -15.09 9.67 -34.93
N LEU B 38 -15.24 8.52 -35.57
CA LEU B 38 -14.66 8.26 -36.92
C LEU B 38 -15.27 9.23 -37.94
N ASP B 39 -16.58 9.40 -37.90
CA ASP B 39 -17.35 10.23 -38.87
C ASP B 39 -16.93 11.70 -38.72
N ASP B 40 -16.78 12.14 -37.47
CA ASP B 40 -16.40 13.53 -37.13
C ASP B 40 -14.94 13.79 -37.55
N PHE B 41 -14.05 12.83 -37.34
CA PHE B 41 -12.62 12.93 -37.71
C PHE B 41 -12.49 13.02 -39.23
N ARG B 42 -13.29 12.24 -39.98
CA ARG B 42 -13.37 12.28 -41.46
C ARG B 42 -13.78 13.69 -41.88
N LYS B 43 -14.82 14.29 -41.28
CA LYS B 43 -15.22 15.70 -41.55
C LYS B 43 -14.02 16.62 -41.37
N LEU B 44 -13.31 16.50 -40.25
CA LEU B 44 -12.15 17.36 -39.95
C LEU B 44 -11.11 17.16 -41.05
N TYR B 45 -10.83 15.90 -41.42
CA TYR B 45 -9.69 15.52 -42.31
C TYR B 45 -10.17 14.52 -43.36
N PRO B 46 -10.90 14.96 -44.41
CA PRO B 46 -11.51 14.04 -45.37
C PRO B 46 -10.52 13.27 -46.26
N PHE B 47 -9.26 13.70 -46.32
CA PHE B 47 -8.16 13.08 -47.08
C PHE B 47 -7.51 11.93 -46.28
N ILE B 48 -8.13 11.53 -45.20
CA ILE B 48 -7.65 10.32 -44.45
C ILE B 48 -8.76 9.29 -44.51
N GLN B 49 -8.45 8.12 -45.02
CA GLN B 49 -9.38 6.97 -45.05
C GLN B 49 -8.97 6.06 -43.87
N ILE B 50 -9.95 5.83 -43.00
CA ILE B 50 -9.75 5.09 -41.73
C ILE B 50 -10.13 3.61 -41.97
N GLU B 51 -9.27 2.68 -41.56
CA GLU B 51 -9.55 1.24 -41.42
CA GLU B 51 -9.58 1.25 -41.40
C GLU B 51 -9.70 0.95 -39.91
N TYR B 52 -10.91 0.68 -39.44
CA TYR B 52 -11.20 0.41 -38.01
C TYR B 52 -11.29 -1.10 -37.82
N ASN B 53 -10.34 -1.70 -37.11
CA ASN B 53 -10.37 -3.16 -36.79
C ASN B 53 -10.85 -3.31 -35.35
N ASP B 54 -12.11 -3.67 -35.21
CA ASP B 54 -12.83 -3.88 -33.92
C ASP B 54 -12.44 -5.29 -33.47
N LEU B 55 -11.61 -5.40 -32.42
CA LEU B 55 -10.99 -6.69 -32.04
C LEU B 55 -11.05 -6.86 -30.54
N GLY B 56 -10.91 -8.11 -30.05
CA GLY B 56 -10.75 -8.37 -28.62
C GLY B 56 -9.40 -7.87 -28.12
N THR B 57 -9.31 -7.52 -26.84
CA THR B 57 -8.08 -6.94 -26.23
C THR B 57 -6.89 -7.90 -26.36
N GLN B 58 -7.10 -9.20 -26.13
CA GLN B 58 -6.04 -10.23 -26.27
C GLN B 58 -5.63 -10.34 -27.73
N ALA B 59 -6.59 -10.47 -28.66
CA ALA B 59 -6.31 -10.57 -30.10
C ALA B 59 -5.52 -9.32 -30.57
N ILE B 60 -5.81 -8.12 -30.06
CA ILE B 60 -5.06 -6.90 -30.45
C ILE B 60 -3.57 -7.10 -30.11
N TYR B 61 -3.25 -7.48 -28.88
CA TYR B 61 -1.87 -7.70 -28.41
C TYR B 61 -1.19 -8.80 -29.25
N ASP B 62 -1.78 -9.97 -29.33
CA ASP B 62 -1.22 -11.15 -30.05
C ASP B 62 -0.93 -10.80 -31.51
N ARG B 63 -1.85 -10.10 -32.16
CA ARG B 63 -1.75 -9.80 -33.59
C ARG B 63 -0.67 -8.75 -33.84
N PHE B 64 -0.66 -7.67 -33.05
CA PHE B 64 0.32 -6.56 -33.14
C PHE B 64 1.74 -7.07 -32.89
N VAL B 65 1.91 -7.86 -31.83
CA VAL B 65 3.24 -8.45 -31.47
C VAL B 65 3.70 -9.38 -32.60
N SER B 66 2.78 -10.24 -33.01
CA SER B 66 3.02 -11.19 -34.10
C SER B 66 3.41 -10.47 -35.40
N GLU B 67 2.68 -9.43 -35.78
CA GLU B 67 2.90 -8.72 -37.07
C GLU B 67 4.19 -7.93 -36.97
N THR B 68 4.47 -7.29 -35.83
CA THR B 68 5.72 -6.55 -35.59
C THR B 68 6.92 -7.50 -35.75
N ALA B 69 6.91 -8.69 -35.12
CA ALA B 69 8.04 -9.68 -35.17
C ALA B 69 8.28 -10.17 -36.62
N ALA B 70 7.22 -10.38 -37.41
CA ALA B 70 7.32 -10.80 -38.82
C ALA B 70 7.78 -9.62 -39.71
N GLY B 71 7.89 -8.42 -39.17
CA GLY B 71 8.29 -7.22 -39.94
C GLY B 71 7.15 -6.64 -40.79
N ALA B 72 5.91 -7.06 -40.55
CA ALA B 72 4.76 -6.88 -41.47
C ALA B 72 4.08 -5.51 -41.29
N SER B 73 3.16 -5.25 -42.24
CA SER B 73 2.09 -4.23 -42.18
C SER B 73 1.25 -4.53 -40.95
N SER B 74 1.31 -3.62 -39.97
CA SER B 74 0.47 -3.61 -38.75
C SER B 74 -0.32 -2.30 -38.65
N ALA B 75 -0.86 -2.04 -37.47
CA ALA B 75 -1.64 -0.84 -37.14
C ALA B 75 -0.76 0.41 -37.12
N ASP B 76 -1.37 1.57 -37.35
CA ASP B 76 -0.79 2.90 -37.06
C ASP B 76 -1.07 3.25 -35.60
N LEU B 77 -2.26 2.93 -35.13
CA LEU B 77 -2.72 3.31 -33.78
C LEU B 77 -3.42 2.13 -33.10
N LEU B 78 -3.08 1.91 -31.82
CA LEU B 78 -3.69 0.89 -30.94
CA LEU B 78 -3.66 0.89 -30.93
C LEU B 78 -4.48 1.56 -29.82
N TRP B 79 -5.73 1.17 -29.68
CA TRP B 79 -6.67 1.79 -28.72
C TRP B 79 -7.37 0.69 -27.93
N SER B 80 -7.04 0.50 -26.65
CA SER B 80 -7.53 -0.70 -25.91
C SER B 80 -7.78 -0.39 -24.45
N SER B 81 -8.80 -1.06 -23.94
CA SER B 81 -9.28 -0.97 -22.52
C SER B 81 -8.42 -1.90 -21.65
N ALA B 82 -7.66 -2.81 -22.26
CA ALA B 82 -6.75 -3.75 -21.57
C ALA B 82 -5.49 -2.99 -21.17
N MET B 83 -5.58 -2.22 -20.10
CA MET B 83 -4.58 -1.21 -19.67
C MET B 83 -3.19 -1.83 -19.51
N GLU B 84 -3.10 -2.97 -18.85
CA GLU B 84 -1.79 -3.64 -18.61
C GLU B 84 -1.14 -3.99 -19.95
N LEU B 85 -1.91 -4.56 -20.91
CA LEU B 85 -1.39 -4.96 -22.22
C LEU B 85 -0.88 -3.75 -22.99
N GLN B 86 -1.63 -2.65 -23.00
CA GLN B 86 -1.22 -1.39 -23.66
C GLN B 86 0.02 -0.80 -22.97
N VAL B 87 0.07 -0.75 -21.65
CA VAL B 87 1.24 -0.13 -20.93
C VAL B 87 2.46 -1.04 -21.10
N LYS B 88 2.25 -2.35 -21.29
CA LYS B 88 3.37 -3.26 -21.54
C LYS B 88 3.98 -2.93 -22.90
N LEU B 89 3.17 -2.87 -23.96
CA LEU B 89 3.63 -2.62 -25.33
C LEU B 89 4.35 -1.28 -25.37
N ALA B 90 3.72 -0.27 -24.78
CA ALA B 90 4.21 1.11 -24.87
C ALA B 90 5.49 1.27 -24.03
N SER B 91 5.79 0.40 -23.06
CA SER B 91 7.01 0.49 -22.22
C SER B 91 8.06 -0.51 -22.72
N GLU B 92 7.81 -1.16 -23.87
CA GLU B 92 8.72 -2.20 -24.42
C GLU B 92 9.17 -1.85 -25.82
N GLY B 93 8.97 -0.63 -26.31
CA GLY B 93 9.58 -0.15 -27.57
C GLY B 93 8.65 -0.29 -28.76
N TYR B 94 7.38 -0.56 -28.52
CA TYR B 94 6.33 -0.62 -29.59
C TYR B 94 5.75 0.78 -29.83
N ALA B 95 6.03 1.78 -28.98
CA ALA B 95 5.37 3.11 -29.06
C ALA B 95 6.24 4.17 -29.74
N LEU B 96 5.63 4.95 -30.62
CA LEU B 96 6.20 6.21 -31.17
C LEU B 96 6.06 7.26 -30.10
N PRO B 97 7.16 7.89 -29.65
CA PRO B 97 7.06 8.95 -28.66
C PRO B 97 6.49 10.19 -29.38
N TYR B 98 5.40 10.76 -28.85
CA TYR B 98 4.76 12.00 -29.38
C TYR B 98 4.17 12.81 -28.24
N ASP B 99 4.65 14.04 -28.05
CA ASP B 99 4.07 15.00 -27.08
C ASP B 99 2.80 15.56 -27.72
N SER B 100 1.62 15.02 -27.42
CA SER B 100 0.35 15.54 -28.00
C SER B 100 0.12 16.96 -27.45
N PRO B 101 -0.04 17.96 -28.35
CA PRO B 101 -0.36 19.32 -27.93
C PRO B 101 -1.75 19.47 -27.27
N GLU B 102 -2.59 18.44 -27.35
CA GLU B 102 -3.92 18.39 -26.71
C GLU B 102 -3.82 17.82 -25.28
N ALA B 103 -2.64 17.44 -24.83
CA ALA B 103 -2.48 16.71 -23.56
C ALA B 103 -1.69 17.55 -22.55
N LYS B 104 -1.53 18.84 -22.78
CA LYS B 104 -0.59 19.65 -21.98
C LYS B 104 -1.02 19.61 -20.51
N ASN B 105 -2.30 19.42 -20.24
CA ASN B 105 -2.82 19.41 -18.85
C ASN B 105 -3.17 17.97 -18.40
N TRP B 106 -2.76 16.92 -19.14
CA TRP B 106 -3.01 15.53 -18.68
C TRP B 106 -2.26 15.30 -17.36
N PRO B 107 -2.89 14.75 -16.31
CA PRO B 107 -2.13 14.37 -15.10
C PRO B 107 -1.09 13.28 -15.44
N ALA B 108 0.03 13.29 -14.73
CA ALA B 108 1.15 12.34 -14.90
C ALA B 108 0.63 10.89 -14.83
N ASN B 109 -0.41 10.60 -14.03
CA ASN B 109 -0.95 9.23 -13.88
C ASN B 109 -2.00 8.88 -14.98
N ALA B 110 -2.15 9.75 -16.00
CA ALA B 110 -3.08 9.54 -17.14
C ALA B 110 -2.31 9.45 -18.46
N ARG B 111 -0.98 9.38 -18.36
CA ARG B 111 -0.07 9.27 -19.51
C ARG B 111 1.20 8.54 -19.10
N LEU B 112 1.77 7.81 -20.06
CA LEU B 112 3.11 7.18 -19.93
C LEU B 112 4.22 8.06 -20.51
N GLY B 113 4.54 9.18 -19.88
CA GLY B 113 5.23 10.34 -20.47
C GLY B 113 4.61 10.64 -21.84
N ASN B 114 5.42 10.67 -22.91
CA ASN B 114 4.95 10.87 -24.31
C ASN B 114 4.77 9.56 -25.10
N LEU B 115 4.68 8.41 -24.44
CA LEU B 115 4.53 7.09 -25.12
C LEU B 115 3.05 6.69 -25.28
N ALA B 116 2.19 7.02 -24.35
CA ALA B 116 0.79 6.50 -24.38
C ALA B 116 -0.13 7.40 -23.55
N TYR B 117 -1.41 7.47 -23.92
CA TYR B 117 -2.32 8.43 -23.25
C TYR B 117 -3.64 7.79 -22.86
N SER B 118 -4.18 8.20 -21.72
CA SER B 118 -5.60 8.00 -21.37
C SER B 118 -6.42 8.71 -22.40
N THR B 119 -7.50 8.09 -22.85
CA THR B 119 -8.50 8.73 -23.74
C THR B 119 -9.88 8.75 -23.05
N THR B 120 -10.08 8.02 -21.93
CA THR B 120 -11.42 7.91 -21.28
C THR B 120 -11.29 7.68 -19.78
N LEU B 121 -12.44 7.77 -19.08
CA LEU B 121 -12.60 7.45 -17.64
C LEU B 121 -13.91 6.70 -17.51
N GLU B 122 -13.86 5.41 -17.84
CA GLU B 122 -15.05 4.56 -18.00
C GLU B 122 -15.26 3.74 -16.74
N PRO B 123 -16.43 3.93 -16.08
CA PRO B 123 -16.81 3.12 -14.92
C PRO B 123 -17.22 1.68 -15.30
N ALA B 124 -16.79 0.74 -14.46
CA ALA B 124 -17.35 -0.62 -14.41
C ALA B 124 -18.63 -0.56 -13.57
N VAL B 125 -19.76 -0.88 -14.19
CA VAL B 125 -21.13 -0.65 -13.62
C VAL B 125 -21.91 -1.95 -13.58
N VAL B 126 -23.10 -1.87 -13.02
CA VAL B 126 -24.11 -2.95 -12.97
C VAL B 126 -25.18 -2.59 -14.00
N VAL B 127 -25.50 -3.50 -14.91
CA VAL B 127 -26.68 -3.32 -15.77
C VAL B 127 -27.65 -4.44 -15.44
N TYR B 128 -28.93 -4.16 -15.62
CA TYR B 128 -29.99 -5.11 -15.19
C TYR B 128 -31.18 -4.93 -16.12
N ASN B 129 -32.00 -5.94 -16.22
CA ASN B 129 -33.25 -5.91 -17.01
C ASN B 129 -34.40 -5.53 -16.07
N LYS B 130 -34.92 -4.31 -16.25
CA LYS B 130 -36.02 -3.72 -15.44
C LYS B 130 -37.29 -4.57 -15.46
N ARG B 131 -37.54 -5.43 -16.45
CA ARG B 131 -38.70 -6.35 -16.41
C ARG B 131 -38.56 -7.30 -15.21
N PHE B 132 -37.33 -7.60 -14.76
CA PHE B 132 -37.09 -8.68 -13.79
C PHE B 132 -36.51 -8.15 -12.49
N LEU B 133 -35.76 -7.05 -12.52
CA LEU B 133 -35.26 -6.34 -11.32
C LEU B 133 -35.67 -4.88 -11.42
N LYS B 134 -36.51 -4.42 -10.52
CA LYS B 134 -36.81 -2.98 -10.37
C LYS B 134 -35.56 -2.26 -9.86
N PRO B 135 -35.33 -1.00 -10.26
CA PRO B 135 -34.27 -0.16 -9.68
C PRO B 135 -34.10 -0.25 -8.15
N GLU B 136 -35.21 -0.16 -7.40
CA GLU B 136 -35.21 -0.22 -5.91
C GLU B 136 -34.56 -1.52 -5.41
N GLU B 137 -34.53 -2.56 -6.23
CA GLU B 137 -34.08 -3.92 -5.83
C GLU B 137 -32.57 -4.10 -6.10
N VAL B 138 -31.94 -3.21 -6.87
CA VAL B 138 -30.53 -3.40 -7.31
C VAL B 138 -29.64 -2.63 -6.35
N PRO B 139 -28.90 -3.31 -5.48
CA PRO B 139 -28.02 -2.60 -4.54
C PRO B 139 -26.84 -1.99 -5.31
N THR B 140 -26.20 -0.99 -4.71
CA THR B 140 -25.11 -0.19 -5.32
C THR B 140 -23.85 -0.37 -4.49
N THR B 141 -23.82 -1.44 -3.68
CA THR B 141 -22.62 -1.87 -2.91
C THR B 141 -22.31 -3.32 -3.26
N ARG B 142 -21.04 -3.68 -3.17
CA ARG B 142 -20.55 -5.07 -3.29
C ARG B 142 -21.25 -5.95 -2.25
N GLU B 143 -21.30 -5.55 -0.98
CA GLU B 143 -21.98 -6.27 0.14
C GLU B 143 -23.45 -6.52 -0.24
N GLY B 144 -24.16 -5.49 -0.67
CA GLY B 144 -25.56 -5.58 -1.10
C GLY B 144 -25.74 -6.55 -2.26
N LEU B 145 -24.84 -6.51 -3.25
CA LEU B 145 -24.95 -7.37 -4.44
C LEU B 145 -24.64 -8.81 -4.04
N ALA B 146 -23.80 -8.98 -3.03
CA ALA B 146 -23.48 -10.32 -2.50
C ALA B 146 -24.76 -10.92 -1.89
N ARG B 147 -25.53 -10.10 -1.16
CA ARG B 147 -26.84 -10.50 -0.53
C ARG B 147 -27.87 -10.82 -1.62
N LEU B 148 -27.98 -10.00 -2.65
CA LEU B 148 -28.95 -10.24 -3.76
C LEU B 148 -28.63 -11.59 -4.41
N LEU B 149 -27.36 -11.92 -4.55
CA LEU B 149 -26.94 -13.15 -5.27
C LEU B 149 -27.05 -14.39 -4.37
N GLN B 150 -27.51 -14.25 -3.13
CA GLN B 150 -27.94 -15.41 -2.30
C GLN B 150 -29.36 -15.85 -2.70
N GLU B 151 -30.13 -14.98 -3.33
CA GLU B 151 -31.57 -15.25 -3.61
C GLU B 151 -31.63 -16.34 -4.69
N PRO B 152 -32.45 -17.38 -4.48
CA PRO B 152 -32.59 -18.45 -5.48
C PRO B 152 -33.00 -17.95 -6.86
N ARG B 153 -33.76 -16.86 -6.97
CA ARG B 153 -34.18 -16.29 -8.29
C ARG B 153 -32.96 -15.83 -9.10
N MET B 154 -31.83 -15.50 -8.45
CA MET B 154 -30.66 -14.94 -9.16
C MET B 154 -29.77 -16.09 -9.66
N ARG B 155 -29.99 -17.31 -9.22
CA ARG B 155 -29.18 -18.49 -9.63
C ARG B 155 -29.26 -18.68 -11.15
N GLY B 156 -28.11 -18.64 -11.84
CA GLY B 156 -28.05 -18.67 -13.31
C GLY B 156 -28.57 -17.38 -13.96
N ARG B 157 -28.72 -16.29 -13.22
CA ARG B 157 -29.27 -15.02 -13.76
C ARG B 157 -28.21 -13.90 -13.68
N VAL B 158 -26.96 -14.24 -13.46
CA VAL B 158 -25.87 -13.26 -13.25
C VAL B 158 -24.82 -13.44 -14.33
N ALA B 159 -24.37 -12.35 -14.93
CA ALA B 159 -23.31 -12.34 -15.97
C ALA B 159 -22.16 -11.49 -15.44
N THR B 160 -20.93 -11.92 -15.68
CA THR B 160 -19.76 -11.06 -15.40
C THR B 160 -18.67 -11.46 -16.36
N TRP B 161 -17.51 -10.83 -16.18
CA TRP B 161 -16.29 -11.06 -16.98
C TRP B 161 -15.77 -12.49 -16.74
N ASP B 162 -15.19 -13.08 -17.77
CA ASP B 162 -14.19 -14.17 -17.65
C ASP B 162 -12.82 -13.52 -17.70
N PRO B 163 -12.12 -13.30 -16.56
CA PRO B 163 -10.83 -12.62 -16.58
C PRO B 163 -9.71 -13.50 -17.13
N GLU B 164 -10.02 -14.76 -17.45
CA GLU B 164 -9.06 -15.70 -18.06
C GLU B 164 -9.19 -15.62 -19.57
N ARG B 165 -10.25 -15.02 -20.13
CA ARG B 165 -10.44 -15.00 -21.61
C ARG B 165 -10.50 -13.54 -22.13
N SER B 166 -10.77 -12.55 -21.27
CA SER B 166 -10.84 -11.11 -21.62
C SER B 166 -9.78 -10.38 -20.80
N ALA B 167 -8.85 -9.68 -21.47
CA ALA B 167 -7.69 -9.07 -20.77
C ALA B 167 -8.17 -7.81 -20.02
N VAL B 168 -9.22 -7.14 -20.48
CA VAL B 168 -9.84 -6.00 -19.72
C VAL B 168 -10.74 -6.54 -18.58
N GLY B 169 -11.44 -7.67 -18.78
CA GLY B 169 -12.09 -8.34 -17.67
C GLY B 169 -11.10 -8.54 -16.52
N PHE B 170 -9.87 -8.94 -16.84
CA PHE B 170 -8.77 -9.12 -15.88
C PHE B 170 -8.48 -7.74 -15.22
N THR B 171 -8.26 -6.71 -16.04
CA THR B 171 -7.95 -5.34 -15.57
C THR B 171 -8.98 -4.90 -14.53
N ILE B 172 -10.24 -5.10 -14.86
CA ILE B 172 -11.38 -4.58 -14.06
C ILE B 172 -11.53 -5.40 -12.79
N LEU B 173 -11.61 -6.71 -12.90
CA LEU B 173 -11.84 -7.56 -11.69
C LEU B 173 -10.61 -7.51 -10.79
N LYS B 174 -9.39 -7.39 -11.37
CA LYS B 174 -8.11 -7.33 -10.61
C LYS B 174 -8.08 -6.06 -9.77
N ALA B 175 -8.35 -4.91 -10.40
CA ALA B 175 -8.43 -3.60 -9.71
C ALA B 175 -9.49 -3.68 -8.60
N ASP B 176 -10.61 -4.35 -8.87
CA ASP B 176 -11.73 -4.51 -7.91
C ASP B 176 -11.19 -5.27 -6.69
N TYR B 177 -10.54 -6.41 -6.93
CA TYR B 177 -9.97 -7.30 -5.89
C TYR B 177 -8.91 -6.55 -5.07
N ASP B 178 -8.03 -5.78 -5.73
CA ASP B 178 -6.93 -5.04 -5.06
C ASP B 178 -7.53 -3.98 -4.14
N ARG B 179 -8.56 -3.26 -4.59
CA ARG B 179 -9.02 -2.00 -3.96
C ARG B 179 -10.09 -2.27 -2.91
N PHE B 180 -10.98 -3.24 -3.13
CA PHE B 180 -12.21 -3.43 -2.29
C PHE B 180 -12.24 -4.81 -1.66
N PRO B 181 -11.95 -4.96 -0.35
CA PRO B 181 -12.05 -6.27 0.30
C PRO B 181 -13.41 -6.94 0.07
N ALA B 182 -14.49 -6.18 0.00
CA ALA B 182 -15.88 -6.70 -0.17
C ALA B 182 -16.03 -7.41 -1.52
N PHE B 183 -15.10 -7.22 -2.45
CA PHE B 183 -15.12 -7.98 -3.73
C PHE B 183 -14.99 -9.49 -3.47
N GLN B 184 -14.27 -9.85 -2.40
CA GLN B 184 -14.11 -11.27 -2.00
C GLN B 184 -15.50 -11.90 -1.75
N GLU B 185 -16.35 -11.25 -0.95
CA GLU B 185 -17.69 -11.81 -0.61
C GLU B 185 -18.57 -11.77 -1.88
N LEU B 186 -18.36 -10.83 -2.80
CA LEU B 186 -19.14 -10.73 -4.04
C LEU B 186 -18.76 -11.90 -4.96
N ALA B 187 -17.47 -12.13 -5.18
CA ALA B 187 -16.98 -13.24 -6.01
C ALA B 187 -17.56 -14.57 -5.51
N ARG B 188 -17.58 -14.82 -4.20
CA ARG B 188 -18.13 -16.10 -3.65
C ARG B 188 -19.63 -16.16 -3.95
N ALA B 189 -20.33 -15.02 -3.99
CA ALA B 189 -21.76 -14.97 -4.34
C ALA B 189 -21.93 -15.27 -5.84
N PHE B 190 -20.95 -14.95 -6.69
CA PHE B 190 -20.93 -15.30 -8.13
C PHE B 190 -20.94 -16.82 -8.23
N GLY B 191 -20.18 -17.49 -7.35
CA GLY B 191 -20.22 -18.96 -7.20
C GLY B 191 -21.62 -19.45 -6.82
N LYS B 192 -22.14 -18.97 -5.71
CA LYS B 192 -23.51 -19.30 -5.17
C LYS B 192 -24.57 -19.13 -6.29
N ALA B 193 -24.50 -18.05 -7.05
CA ALA B 193 -25.46 -17.69 -8.12
C ALA B 193 -25.07 -18.35 -9.44
N GLN B 194 -23.98 -19.13 -9.46
CA GLN B 194 -23.47 -19.78 -10.69
C GLN B 194 -23.45 -18.76 -11.83
N ALA B 195 -22.81 -17.62 -11.60
CA ALA B 195 -22.59 -16.55 -12.61
C ALA B 195 -22.07 -17.16 -13.91
N ALA B 196 -22.55 -16.74 -15.06
CA ALA B 196 -21.92 -17.07 -16.36
C ALA B 196 -20.87 -15.98 -16.68
N LEU B 197 -19.75 -16.38 -17.27
CA LEU B 197 -18.57 -15.51 -17.50
C LEU B 197 -18.41 -15.26 -18.99
N TYR B 198 -18.32 -14.01 -19.41
CA TYR B 198 -18.27 -13.62 -20.83
C TYR B 198 -16.96 -12.90 -21.12
N SER B 199 -16.55 -12.97 -22.36
CA SER B 199 -15.29 -12.39 -22.87
C SER B 199 -15.58 -11.08 -23.57
N SER B 200 -16.86 -10.65 -23.64
CA SER B 200 -17.24 -9.35 -24.25
C SER B 200 -18.52 -8.80 -23.65
N THR B 201 -18.64 -7.48 -23.64
CA THR B 201 -19.81 -6.76 -23.12
C THR B 201 -21.04 -7.17 -23.95
N GLY B 202 -20.92 -7.11 -25.27
CA GLY B 202 -22.01 -7.51 -26.21
C GLY B 202 -22.64 -8.84 -25.85
N ALA B 203 -21.84 -9.85 -25.52
CA ALA B 203 -22.39 -11.19 -25.23
C ALA B 203 -23.10 -11.18 -23.86
N ALA B 204 -22.61 -10.44 -22.87
CA ALA B 204 -23.30 -10.30 -21.56
C ALA B 204 -24.61 -9.55 -21.76
N PHE B 205 -24.56 -8.43 -22.48
CA PHE B 205 -25.73 -7.53 -22.66
C PHE B 205 -26.86 -8.30 -23.36
N GLU B 206 -26.57 -9.12 -24.38
CA GLU B 206 -27.64 -9.80 -25.18
C GLU B 206 -28.42 -10.73 -24.22
N LYS B 207 -27.73 -11.30 -23.24
CA LYS B 207 -28.35 -12.24 -22.27
C LYS B 207 -29.22 -11.48 -21.25
N VAL B 208 -28.80 -10.26 -20.85
CA VAL B 208 -29.57 -9.42 -19.90
C VAL B 208 -30.81 -8.89 -20.62
N ILE B 209 -30.64 -8.53 -21.87
CA ILE B 209 -31.72 -7.98 -22.74
C ILE B 209 -32.78 -9.06 -22.99
N SER B 210 -32.41 -10.30 -23.28
CA SER B 210 -33.41 -11.38 -23.49
C SER B 210 -34.01 -11.83 -22.16
N GLY B 211 -33.41 -11.49 -21.00
CA GLY B 211 -33.88 -11.96 -19.68
C GLY B 211 -33.28 -13.29 -19.26
N GLU B 212 -32.41 -13.87 -20.07
CA GLU B 212 -31.71 -15.15 -19.74
C GLU B 212 -30.86 -14.89 -18.49
N HIS B 213 -30.32 -13.68 -18.33
CA HIS B 213 -29.71 -13.19 -17.07
C HIS B 213 -30.45 -11.92 -16.69
N TYR B 214 -30.43 -11.55 -15.41
CA TYR B 214 -31.16 -10.37 -14.89
C TYR B 214 -30.18 -9.23 -14.66
N LEU B 215 -28.91 -9.57 -14.50
CA LEU B 215 -27.91 -8.63 -13.96
C LEU B 215 -26.54 -9.00 -14.49
N ALA B 216 -25.78 -7.99 -14.91
CA ALA B 216 -24.37 -8.13 -15.33
C ALA B 216 -23.50 -7.21 -14.48
N TYR B 217 -22.40 -7.72 -13.95
CA TYR B 217 -21.47 -6.91 -13.12
C TYR B 217 -20.16 -6.63 -13.88
N GLY B 218 -19.81 -5.34 -13.96
CA GLY B 218 -18.43 -4.89 -14.24
C GLY B 218 -18.22 -4.44 -15.67
N PHE B 219 -19.26 -4.41 -16.51
CA PHE B 219 -19.17 -3.97 -17.91
C PHE B 219 -19.25 -2.43 -17.98
N PHE B 220 -18.86 -1.89 -19.13
CA PHE B 220 -18.57 -0.45 -19.33
C PHE B 220 -19.87 0.35 -19.32
N GLY B 221 -19.86 1.39 -18.50
CA GLY B 221 -20.90 2.44 -18.55
C GLY B 221 -21.18 2.89 -19.97
N SER B 222 -20.14 3.15 -20.75
CA SER B 222 -20.22 3.71 -22.12
C SER B 222 -21.23 2.89 -22.97
N TYR B 223 -21.07 1.56 -22.99
CA TYR B 223 -21.87 0.67 -23.85
C TYR B 223 -23.31 0.63 -23.31
N ALA B 224 -23.42 0.59 -22.00
CA ALA B 224 -24.73 0.57 -21.29
C ALA B 224 -25.53 1.83 -21.69
N LEU B 225 -24.93 3.02 -21.57
CA LEU B 225 -25.60 4.29 -21.94
C LEU B 225 -26.11 4.21 -23.39
N LEU B 226 -25.25 3.84 -24.32
CA LEU B 226 -25.62 3.81 -25.75
C LEU B 226 -26.72 2.78 -25.96
N ARG B 227 -26.63 1.61 -25.37
CA ARG B 227 -27.63 0.53 -25.61
C ARG B 227 -29.00 0.96 -25.07
N GLN B 228 -29.03 1.69 -23.95
CA GLN B 228 -30.27 2.25 -23.32
C GLN B 228 -31.09 3.05 -24.31
N ARG B 229 -30.45 3.74 -25.25
CA ARG B 229 -31.17 4.65 -26.19
C ARG B 229 -32.08 3.74 -27.02
N THR B 230 -31.75 2.47 -27.26
CA THR B 230 -32.68 1.58 -28.02
C THR B 230 -33.42 0.60 -27.10
N VAL B 231 -32.95 0.33 -25.88
CA VAL B 231 -33.53 -0.75 -25.03
C VAL B 231 -33.86 -0.15 -23.66
N LYS B 232 -35.10 0.32 -23.54
CA LYS B 232 -35.64 1.00 -22.35
C LYS B 232 -35.62 0.04 -21.16
N ASP B 233 -35.66 -1.29 -21.33
CA ASP B 233 -35.62 -2.21 -20.16
C ASP B 233 -34.22 -2.32 -19.55
N LEU B 234 -33.18 -1.79 -20.19
CA LEU B 234 -31.81 -1.86 -19.63
C LEU B 234 -31.63 -0.77 -18.58
N GLY B 235 -31.43 -1.15 -17.32
CA GLY B 235 -31.08 -0.23 -16.23
C GLY B 235 -29.61 -0.22 -15.93
N ILE B 236 -29.15 0.86 -15.31
CA ILE B 236 -27.74 1.01 -14.88
C ILE B 236 -27.72 1.34 -13.40
N ALA B 237 -26.90 0.68 -12.61
CA ALA B 237 -26.56 1.06 -11.21
C ALA B 237 -25.07 1.32 -11.14
N TYR B 238 -24.69 2.40 -10.47
CA TYR B 238 -23.29 2.80 -10.20
C TYR B 238 -22.96 2.43 -8.76
N LEU B 239 -21.76 1.92 -8.51
CA LEU B 239 -21.33 1.46 -7.16
C LEU B 239 -20.90 2.64 -6.29
N THR B 240 -21.61 2.86 -5.18
CA THR B 240 -21.44 3.95 -4.20
C THR B 240 -20.41 3.57 -3.12
N ASP B 241 -20.04 2.30 -2.96
CA ASP B 241 -18.90 1.88 -2.07
C ASP B 241 -17.57 2.13 -2.80
N GLY B 242 -17.60 2.18 -4.12
CA GLY B 242 -16.41 2.51 -4.91
C GLY B 242 -16.57 1.99 -6.31
N THR B 243 -16.22 2.81 -7.28
CA THR B 243 -16.31 2.45 -8.71
C THR B 243 -14.90 2.37 -9.26
N VAL B 244 -14.66 1.26 -9.96
CA VAL B 244 -13.45 1.08 -10.79
C VAL B 244 -13.71 1.78 -12.11
N ALA B 245 -12.76 2.61 -12.55
CA ALA B 245 -12.80 3.28 -13.85
C ALA B 245 -11.52 2.89 -14.61
N ILE B 246 -11.71 2.37 -15.84
CA ILE B 246 -10.56 2.10 -16.74
C ILE B 246 -10.36 3.39 -17.55
N GLN B 247 -9.16 3.58 -18.06
CA GLN B 247 -8.78 4.65 -19.00
C GLN B 247 -8.30 3.91 -20.25
N ARG B 248 -9.08 3.94 -21.31
CA ARG B 248 -8.66 3.36 -22.60
C ARG B 248 -7.36 4.04 -23.03
N VAL B 249 -6.30 3.27 -23.23
CA VAL B 249 -4.95 3.75 -23.63
C VAL B 249 -4.82 3.70 -25.15
N ALA B 250 -4.48 4.84 -25.75
CA ALA B 250 -4.11 4.93 -27.18
C ALA B 250 -2.62 5.21 -27.27
N PHE B 251 -1.95 4.49 -28.17
CA PHE B 251 -0.55 4.82 -28.54
C PHE B 251 -0.38 4.60 -30.03
N ILE B 252 0.60 5.28 -30.59
CA ILE B 252 1.05 5.19 -31.98
C ILE B 252 2.10 4.07 -32.09
N ASN B 253 1.95 3.20 -33.09
CA ASN B 253 2.96 2.22 -33.51
C ASN B 253 4.25 2.91 -33.96
N LYS B 254 5.34 2.63 -33.24
CA LYS B 254 6.69 3.13 -33.58
C LYS B 254 6.93 2.93 -35.08
N ARG B 255 6.55 1.76 -35.57
CA ARG B 255 6.78 1.27 -36.95
C ARG B 255 5.55 1.53 -37.82
N ALA B 256 4.72 2.52 -37.47
CA ALA B 256 3.53 2.87 -38.26
C ALA B 256 3.96 3.18 -39.69
N ALA B 257 3.21 2.72 -40.69
CA ALA B 257 3.33 3.18 -42.08
C ALA B 257 2.81 4.62 -42.17
N HIS B 258 1.83 4.98 -41.31
CA HIS B 258 1.14 6.29 -41.36
C HIS B 258 1.20 6.97 -40.00
N PRO B 259 2.41 7.30 -39.48
CA PRO B 259 2.55 7.85 -38.15
C PRO B 259 1.83 9.19 -37.97
N ASN B 260 1.77 10.03 -39.01
CA ASN B 260 1.23 11.41 -38.90
C ASN B 260 -0.30 11.36 -38.85
N ALA B 261 -0.91 10.49 -39.66
CA ALA B 261 -2.36 10.23 -39.58
C ALA B 261 -2.69 9.80 -38.14
N ALA B 262 -1.84 8.97 -37.55
CA ALA B 262 -2.05 8.46 -36.17
C ALA B 262 -1.91 9.59 -35.14
N LYS B 263 -0.93 10.47 -35.33
CA LYS B 263 -0.79 11.71 -34.49
C LYS B 263 -2.07 12.52 -34.57
N LEU B 264 -2.63 12.70 -35.76
CA LEU B 264 -3.85 13.53 -35.93
C LEU B 264 -4.98 12.86 -35.14
N PHE B 265 -5.08 11.56 -35.19
CA PHE B 265 -6.20 10.82 -34.56
C PHE B 265 -6.02 10.85 -33.05
N LEU B 266 -4.79 10.64 -32.59
CA LEU B 266 -4.53 10.71 -31.13
C LEU B 266 -4.93 12.11 -30.63
N ASP B 267 -4.43 13.15 -31.29
CA ASP B 267 -4.78 14.56 -30.94
C ASP B 267 -6.29 14.75 -30.94
N TYR B 268 -6.97 14.21 -31.94
CA TYR B 268 -8.43 14.31 -32.07
C TYR B 268 -9.06 13.69 -30.82
N LEU B 269 -8.68 12.46 -30.48
CA LEU B 269 -9.27 11.78 -29.30
C LEU B 269 -9.09 12.63 -28.04
N LEU B 270 -7.96 13.32 -27.87
CA LEU B 270 -7.64 13.99 -26.58
C LEU B 270 -8.22 15.40 -26.58
N SER B 271 -8.57 15.92 -27.77
CA SER B 271 -9.06 17.30 -27.97
C SER B 271 -10.40 17.51 -27.24
N LEU B 272 -10.74 18.75 -26.92
CA LEU B 272 -12.09 19.18 -26.45
C LEU B 272 -13.14 18.67 -27.45
N ARG B 273 -12.93 18.86 -28.74
CA ARG B 273 -13.91 18.39 -29.78
C ARG B 273 -14.16 16.89 -29.64
N GLY B 274 -13.11 16.08 -29.64
CA GLY B 274 -13.22 14.62 -29.51
C GLY B 274 -13.82 14.18 -28.19
N GLN B 275 -13.41 14.82 -27.10
CA GLN B 275 -13.85 14.49 -25.73
C GLN B 275 -15.34 14.88 -25.55
N ASN B 276 -15.79 15.97 -26.16
CA ASN B 276 -17.22 16.37 -26.07
C ASN B 276 -18.06 15.43 -26.92
N LEU B 277 -17.57 15.04 -28.09
CA LEU B 277 -18.34 14.11 -28.95
C LEU B 277 -18.43 12.73 -28.26
N MET B 278 -17.38 12.31 -27.57
CA MET B 278 -17.44 11.14 -26.68
C MET B 278 -18.61 11.33 -25.70
N ALA B 279 -18.63 12.44 -24.94
CA ALA B 279 -19.53 12.62 -23.79
C ALA B 279 -20.98 12.72 -24.24
N TYR B 280 -21.18 13.33 -25.40
CA TYR B 280 -22.49 13.82 -25.89
C TYR B 280 -23.12 12.80 -26.84
N THR B 281 -22.37 12.29 -27.82
CA THR B 281 -22.91 11.58 -29.00
C THR B 281 -22.49 10.10 -28.97
N ALA B 282 -21.22 9.76 -28.72
CA ALA B 282 -20.77 8.36 -28.65
C ALA B 282 -21.20 7.68 -27.33
N LEU B 283 -21.48 8.50 -26.33
CA LEU B 283 -21.76 8.08 -24.94
C LEU B 283 -20.60 7.23 -24.43
N ILE B 284 -19.37 7.57 -24.82
CA ILE B 284 -18.11 7.08 -24.18
C ILE B 284 -17.74 8.02 -23.03
N PHE B 285 -17.58 7.49 -21.83
CA PHE B 285 -17.27 8.33 -20.64
C PHE B 285 -15.93 9.02 -20.86
N ALA B 286 -15.96 10.32 -21.06
CA ALA B 286 -14.80 11.14 -21.42
C ALA B 286 -13.80 11.26 -20.25
N ARG B 287 -12.56 11.57 -20.60
CA ARG B 287 -11.44 11.75 -19.65
C ARG B 287 -11.39 13.22 -19.17
N ARG B 288 -11.55 14.18 -20.08
CA ARG B 288 -11.60 15.63 -19.74
C ARG B 288 -12.82 15.93 -18.89
N GLU B 289 -12.59 16.72 -17.85
CA GLU B 289 -13.57 17.16 -16.86
C GLU B 289 -14.41 18.32 -17.45
N THR B 290 -13.98 18.99 -18.53
CA THR B 290 -14.78 20.09 -19.16
C THR B 290 -15.57 19.60 -20.37
N VAL B 291 -16.36 18.55 -20.22
CA VAL B 291 -17.21 18.06 -21.34
C VAL B 291 -18.67 18.18 -20.91
N VAL B 292 -19.53 18.10 -21.92
CA VAL B 292 -21.00 18.21 -21.75
C VAL B 292 -21.64 17.00 -22.42
N GLY B 293 -22.59 16.39 -21.72
CA GLY B 293 -23.41 15.30 -22.20
C GLY B 293 -23.62 14.33 -21.05
N GLU B 294 -23.95 13.08 -21.37
CA GLU B 294 -24.41 12.06 -20.40
C GLU B 294 -23.19 11.31 -19.83
N ALA B 295 -22.16 11.16 -20.65
CA ALA B 295 -21.01 10.28 -20.38
C ALA B 295 -19.81 11.15 -20.03
N THR B 296 -19.86 11.74 -18.84
CA THR B 296 -18.85 12.72 -18.34
C THR B 296 -18.36 12.32 -16.97
N PRO B 297 -17.14 12.70 -16.58
CA PRO B 297 -16.69 12.57 -15.20
C PRO B 297 -17.72 13.13 -14.22
N GLN B 298 -18.21 14.35 -14.44
CA GLN B 298 -19.19 15.00 -13.54
C GLN B 298 -20.44 14.13 -13.34
N ALA B 299 -20.97 13.48 -14.39
CA ALA B 299 -22.14 12.58 -14.28
C ALA B 299 -21.76 11.36 -13.43
N LEU B 300 -20.56 10.79 -13.65
CA LEU B 300 -20.06 9.62 -12.88
C LEU B 300 -19.93 9.99 -11.40
N TYR B 301 -19.24 11.08 -11.08
CA TYR B 301 -19.00 11.56 -9.69
C TYR B 301 -20.33 11.74 -8.99
N LYS B 302 -21.31 12.32 -9.68
CA LYS B 302 -22.65 12.56 -9.08
C LYS B 302 -23.32 11.21 -8.76
N ALA B 303 -23.28 10.24 -9.69
CA ALA B 303 -23.93 8.90 -9.56
C ALA B 303 -23.35 8.09 -8.40
N VAL B 304 -22.05 8.18 -8.16
CA VAL B 304 -21.37 7.35 -7.11
C VAL B 304 -21.26 8.14 -5.80
N GLY B 305 -21.62 9.42 -5.77
CA GLY B 305 -21.56 10.23 -4.54
C GLY B 305 -20.20 10.85 -4.29
N GLY B 306 -19.47 11.22 -5.35
CA GLY B 306 -18.24 12.03 -5.27
C GLY B 306 -17.05 11.44 -6.00
N LYS B 307 -16.22 12.32 -6.56
CA LYS B 307 -14.96 11.94 -7.27
C LYS B 307 -14.12 10.97 -6.40
N ASP B 308 -14.13 11.12 -5.07
CA ASP B 308 -13.31 10.31 -4.15
C ASP B 308 -13.79 8.84 -4.12
N LYS B 309 -14.98 8.53 -4.64
CA LYS B 309 -15.54 7.13 -4.62
C LYS B 309 -15.13 6.43 -5.92
N VAL B 310 -14.31 7.07 -6.74
CA VAL B 310 -13.83 6.49 -8.03
C VAL B 310 -12.35 6.13 -7.89
N TYR B 311 -11.99 4.85 -8.09
CA TYR B 311 -10.58 4.43 -8.34
C TYR B 311 -10.36 4.36 -9.85
N ALA B 312 -9.82 5.44 -10.41
CA ALA B 312 -9.26 5.51 -11.76
C ALA B 312 -7.97 4.69 -11.79
N ILE B 313 -7.90 3.61 -12.57
CA ILE B 313 -6.65 2.83 -12.72
C ILE B 313 -5.64 3.70 -13.47
N PRO B 314 -4.42 3.92 -12.92
CA PRO B 314 -3.50 4.85 -13.55
C PRO B 314 -2.94 4.28 -14.84
N VAL B 315 -2.63 5.16 -15.80
CA VAL B 315 -1.77 4.83 -16.97
C VAL B 315 -0.32 4.96 -16.48
N SER B 316 0.20 3.85 -15.92
CA SER B 316 1.47 3.79 -15.18
C SER B 316 2.13 2.44 -15.41
N THR B 317 3.44 2.39 -15.55
CA THR B 317 4.24 1.15 -15.50
C THR B 317 3.98 0.39 -14.18
N GLU B 318 3.48 1.07 -13.13
CA GLU B 318 3.21 0.39 -11.83
C GLU B 318 2.15 -0.68 -12.02
N ILE B 319 1.27 -0.53 -13.02
CA ILE B 319 0.16 -1.51 -13.18
C ILE B 319 0.67 -2.82 -13.76
N LEU B 320 1.87 -2.85 -14.33
CA LEU B 320 2.48 -4.11 -14.82
C LEU B 320 2.63 -5.10 -13.65
N LYS B 321 2.54 -4.67 -12.40
CA LYS B 321 2.44 -5.59 -11.24
C LYS B 321 1.37 -6.64 -11.44
N ASN B 322 0.27 -6.31 -12.14
CA ASN B 322 -0.86 -7.27 -12.30
C ASN B 322 -0.48 -8.42 -13.24
N LEU B 323 0.54 -8.25 -14.05
CA LEU B 323 1.07 -9.31 -14.95
C LEU B 323 2.19 -10.10 -14.30
N ASP B 324 2.63 -9.76 -13.08
CA ASP B 324 3.65 -10.54 -12.34
C ASP B 324 3.08 -11.93 -12.03
N PRO B 325 3.87 -13.00 -12.30
CA PRO B 325 3.42 -14.38 -12.06
C PRO B 325 2.69 -14.60 -10.73
N ALA B 326 3.32 -14.21 -9.63
CA ALA B 326 2.83 -14.43 -8.24
C ALA B 326 1.51 -13.69 -8.03
N GLU B 327 1.42 -12.47 -8.56
CA GLU B 327 0.25 -11.58 -8.41
C GLU B 327 -0.91 -12.14 -9.24
N ARG B 328 -0.65 -12.59 -10.47
CA ARG B 328 -1.69 -13.22 -11.34
C ARG B 328 -2.23 -14.47 -10.64
N MET B 329 -1.33 -15.30 -10.10
CA MET B 329 -1.68 -16.57 -9.43
C MET B 329 -2.64 -16.27 -8.26
N ARG B 330 -2.30 -15.34 -7.37
CA ARG B 330 -3.10 -15.07 -6.15
C ARG B 330 -4.50 -14.61 -6.56
N PHE B 331 -4.59 -13.77 -7.58
CA PHE B 331 -5.91 -13.26 -8.01
C PHE B 331 -6.69 -14.41 -8.66
N LEU B 332 -6.13 -15.09 -9.67
CA LEU B 332 -6.93 -16.04 -10.48
C LEU B 332 -7.23 -17.28 -9.63
N THR B 333 -6.38 -17.63 -8.66
CA THR B 333 -6.62 -18.78 -7.76
C THR B 333 -7.77 -18.39 -6.85
N PHE B 334 -7.80 -17.18 -6.32
CA PHE B 334 -8.92 -16.75 -5.45
C PHE B 334 -10.21 -16.78 -6.29
N TRP B 335 -10.17 -16.22 -7.49
CA TRP B 335 -11.32 -16.10 -8.43
C TRP B 335 -11.89 -17.47 -8.79
N ARG B 336 -11.06 -18.38 -9.30
CA ARG B 336 -11.48 -19.74 -9.70
C ARG B 336 -12.14 -20.47 -8.53
N GLN B 337 -11.50 -20.47 -7.37
CA GLN B 337 -12.02 -20.98 -6.09
C GLN B 337 -13.43 -20.43 -5.89
N ALA B 338 -13.55 -19.11 -5.82
CA ALA B 338 -14.78 -18.33 -5.52
C ALA B 338 -15.93 -18.68 -6.49
N VAL B 339 -15.72 -18.64 -7.80
CA VAL B 339 -16.84 -18.62 -8.80
C VAL B 339 -17.18 -20.03 -9.31
N ARG B 340 -16.46 -21.12 -9.02
CA ARG B 340 -16.73 -22.43 -9.66
C ARG B 340 -16.35 -23.54 -8.70
N SER C 5 -0.64 -25.56 44.40
CA SER C 5 0.43 -26.23 43.65
C SER C 5 1.50 -25.18 43.29
N ARG C 6 2.58 -25.60 42.65
CA ARG C 6 3.77 -24.76 42.35
C ARG C 6 4.13 -24.94 40.88
N PRO C 7 4.24 -23.87 40.06
CA PRO C 7 4.48 -24.05 38.62
C PRO C 7 5.74 -24.87 38.35
N ALA C 8 5.78 -25.62 37.25
CA ALA C 8 6.90 -26.53 36.92
C ALA C 8 8.02 -25.72 36.22
N SER C 9 8.33 -24.50 36.66
CA SER C 9 9.52 -23.74 36.17
C SER C 9 10.78 -24.49 36.62
N ASP C 10 11.82 -24.54 35.77
CA ASP C 10 13.11 -25.24 36.04
C ASP C 10 13.75 -24.64 37.30
N PRO C 11 14.22 -25.48 38.25
CA PRO C 11 14.99 -24.99 39.40
C PRO C 11 16.10 -23.98 39.02
N GLN C 12 16.82 -24.20 37.93
CA GLN C 12 17.95 -23.32 37.55
C GLN C 12 17.43 -21.95 37.12
N VAL C 13 16.22 -21.89 36.56
CA VAL C 13 15.51 -20.62 36.22
C VAL C 13 15.16 -19.88 37.52
N VAL C 14 14.73 -20.62 38.55
CA VAL C 14 14.41 -20.05 39.89
C VAL C 14 15.69 -19.44 40.48
N GLU C 15 16.84 -20.12 40.39
CA GLU C 15 18.14 -19.66 40.95
C GLU C 15 18.57 -18.39 40.23
N ALA C 16 18.53 -18.43 38.89
CA ALA C 16 18.83 -17.27 38.01
C ALA C 16 17.90 -16.10 38.35
N ALA C 17 16.60 -16.37 38.58
CA ALA C 17 15.59 -15.33 38.91
C ALA C 17 15.94 -14.72 40.28
N ARG C 18 16.38 -15.54 41.24
CA ARG C 18 16.81 -15.04 42.56
C ARG C 18 18.00 -14.09 42.35
N LYS C 19 18.94 -14.40 41.45
CA LYS C 19 20.11 -13.52 41.19
C LYS C 19 19.62 -12.16 40.64
N GLU C 20 18.59 -12.16 39.77
CA GLU C 20 17.99 -10.95 39.16
C GLU C 20 17.26 -10.13 40.23
N GLY C 21 16.35 -10.77 40.96
CA GLY C 21 15.69 -10.20 42.15
C GLY C 21 14.57 -9.23 41.80
N ARG C 22 14.21 -9.07 40.52
CA ARG C 22 13.29 -7.99 40.08
C ARG C 22 12.53 -8.43 38.82
N LEU C 23 11.33 -7.86 38.64
CA LEU C 23 10.42 -8.18 37.51
C LEU C 23 9.65 -6.92 37.13
N ILE C 24 9.88 -6.38 35.92
CA ILE C 24 9.13 -5.21 35.39
C ILE C 24 8.11 -5.72 34.36
N ILE C 25 6.83 -5.46 34.66
CA ILE C 25 5.65 -5.86 33.85
C ILE C 25 5.02 -4.59 33.24
N TYR C 26 4.83 -4.58 31.92
CA TYR C 26 3.89 -3.65 31.25
C TYR C 26 2.67 -4.48 30.90
N SER C 27 1.53 -4.13 31.47
CA SER C 27 0.29 -4.91 31.27
C SER C 27 -0.88 -3.95 31.06
N ALA C 28 -1.82 -4.35 30.22
CA ALA C 28 -3.12 -3.66 30.05
C ALA C 28 -4.15 -4.20 31.06
N THR C 29 -3.84 -5.29 31.77
CA THR C 29 -4.80 -5.87 32.75
C THR C 29 -4.92 -4.92 33.93
N ASP C 30 -6.12 -4.40 34.12
CA ASP C 30 -6.43 -3.46 35.23
C ASP C 30 -5.86 -4.07 36.52
N GLN C 31 -5.13 -3.27 37.29
CA GLN C 31 -4.53 -3.74 38.54
C GLN C 31 -5.64 -4.23 39.49
N SER C 32 -6.84 -3.65 39.44
CA SER C 32 -7.94 -4.16 40.30
C SER C 32 -8.17 -5.65 40.01
N SER C 33 -7.96 -6.11 38.77
CA SER C 33 -8.12 -7.53 38.38
C SER C 33 -6.83 -8.33 38.69
N ALA C 34 -5.67 -7.77 38.43
CA ALA C 34 -4.38 -8.49 38.48
C ALA C 34 -3.89 -8.66 39.93
N GLN C 35 -4.40 -7.88 40.89
CA GLN C 35 -3.72 -7.68 42.20
C GLN C 35 -3.49 -9.04 42.89
N ALA C 36 -4.48 -9.92 42.99
CA ALA C 36 -4.33 -11.21 43.71
C ALA C 36 -3.25 -12.07 43.01
N LEU C 37 -3.10 -11.96 41.69
CA LEU C 37 -2.03 -12.66 40.93
C LEU C 37 -0.68 -12.16 41.42
N LEU C 38 -0.53 -10.84 41.62
CA LEU C 38 0.74 -10.21 42.06
C LEU C 38 1.09 -10.70 43.45
N ASP C 39 0.13 -10.74 44.35
CA ASP C 39 0.41 -11.06 45.78
C ASP C 39 0.76 -12.53 45.87
N ASP C 40 0.07 -13.37 45.10
CA ASP C 40 0.29 -14.85 45.08
C ASP C 40 1.65 -15.15 44.46
N PHE C 41 2.07 -14.44 43.41
CA PHE C 41 3.39 -14.63 42.77
C PHE C 41 4.51 -14.24 43.77
N ARG C 42 4.34 -13.11 44.46
CA ARG C 42 5.33 -12.64 45.46
C ARG C 42 5.43 -13.67 46.61
N LYS C 43 4.29 -14.17 47.10
CA LYS C 43 4.20 -15.27 48.09
C LYS C 43 5.05 -16.46 47.61
N LEU C 44 4.81 -16.89 46.37
CA LEU C 44 5.52 -18.04 45.75
C LEU C 44 7.01 -17.75 45.75
N TYR C 45 7.42 -16.56 45.34
CA TYR C 45 8.84 -16.19 45.08
C TYR C 45 9.15 -14.85 45.73
N PRO C 46 9.32 -14.81 47.08
CA PRO C 46 9.44 -13.55 47.80
C PRO C 46 10.74 -12.78 47.51
N PHE C 47 11.74 -13.42 46.89
CA PHE C 47 13.03 -12.81 46.47
C PHE C 47 12.85 -11.96 45.19
N ILE C 48 11.62 -11.79 44.70
CA ILE C 48 11.38 -10.97 43.49
C ILE C 48 10.56 -9.75 43.90
N GLN C 49 11.07 -8.58 43.57
CA GLN C 49 10.35 -7.29 43.75
C GLN C 49 9.73 -6.93 42.39
N ILE C 50 8.42 -6.79 42.40
CA ILE C 50 7.58 -6.68 41.17
C ILE C 50 7.27 -5.20 40.95
N GLU C 51 7.52 -4.69 39.75
CA GLU C 51 7.03 -3.38 39.26
C GLU C 51 5.89 -3.64 38.26
N TYR C 52 4.62 -3.38 38.64
CA TYR C 52 3.43 -3.57 37.76
C TYR C 52 3.07 -2.21 37.14
N ASN C 53 3.25 -2.06 35.83
CA ASN C 53 2.88 -0.84 35.09
C ASN C 53 1.55 -1.12 34.38
N ASP C 54 0.45 -0.64 34.95
CA ASP C 54 -0.94 -0.72 34.41
C ASP C 54 -1.04 0.40 33.35
N LEU C 55 -1.10 0.06 32.06
CA LEU C 55 -0.96 1.04 30.95
C LEU C 55 -1.97 0.69 29.86
N GLY C 56 -2.24 1.66 28.98
CA GLY C 56 -3.10 1.46 27.80
C GLY C 56 -2.41 0.60 26.77
N THR C 57 -3.16 -0.15 25.97
CA THR C 57 -2.59 -1.12 25.01
C THR C 57 -1.67 -0.43 23.98
N GLN C 58 -2.10 0.74 23.46
CA GLN C 58 -1.30 1.54 22.51
C GLN C 58 -0.05 2.08 23.23
N ALA C 59 -0.20 2.68 24.41
CA ALA C 59 0.95 3.21 25.19
C ALA C 59 1.98 2.09 25.44
N ILE C 60 1.54 0.85 25.71
CA ILE C 60 2.46 -0.30 25.97
C ILE C 60 3.36 -0.47 24.73
N TYR C 61 2.77 -0.59 23.54
CA TYR C 61 3.50 -0.81 22.26
C TYR C 61 4.47 0.36 22.02
N ASP C 62 3.95 1.59 22.00
CA ASP C 62 4.76 2.80 21.71
C ASP C 62 5.96 2.90 22.66
N ARG C 63 5.75 2.64 23.94
CA ARG C 63 6.78 2.82 25.00
C ARG C 63 7.84 1.72 24.86
N PHE C 64 7.42 0.47 24.68
CA PHE C 64 8.32 -0.72 24.54
C PHE C 64 9.20 -0.56 23.29
N VAL C 65 8.59 -0.21 22.16
CA VAL C 65 9.27 -0.01 20.85
C VAL C 65 10.26 1.15 20.99
N SER C 66 9.79 2.26 21.56
CA SER C 66 10.62 3.46 21.81
C SER C 66 11.82 3.10 22.69
N GLU C 67 11.58 2.42 23.82
CA GLU C 67 12.64 2.11 24.81
C GLU C 67 13.63 1.11 24.18
N THR C 68 13.13 0.12 23.45
CA THR C 68 13.97 -0.91 22.79
C THR C 68 14.89 -0.24 21.77
N ALA C 69 14.38 0.66 20.92
CA ALA C 69 15.19 1.36 19.88
C ALA C 69 16.29 2.21 20.54
N ALA C 70 16.00 2.87 21.66
CA ALA C 70 16.99 3.68 22.42
C ALA C 70 18.02 2.77 23.12
N GLY C 71 17.79 1.47 23.18
CA GLY C 71 18.66 0.50 23.88
C GLY C 71 18.46 0.53 25.38
N ALA C 72 17.35 1.09 25.87
CA ALA C 72 17.10 1.38 27.29
C ALA C 72 16.59 0.16 28.08
N SER C 73 16.58 0.32 29.41
CA SER C 73 15.83 -0.49 30.40
C SER C 73 14.35 -0.40 30.07
N SER C 74 13.79 -1.55 29.65
CA SER C 74 12.36 -1.74 29.32
C SER C 74 11.76 -2.83 30.21
N ALA C 75 10.60 -3.35 29.83
CA ALA C 75 9.88 -4.43 30.54
C ALA C 75 10.64 -5.75 30.39
N ASP C 76 10.48 -6.63 31.39
CA ASP C 76 10.88 -8.05 31.30
C ASP C 76 9.74 -8.82 30.62
N LEU C 77 8.49 -8.49 30.97
CA LEU C 77 7.31 -9.20 30.42
C LEU C 77 6.24 -8.19 29.99
N LEU C 78 5.65 -8.45 28.82
CA LEU C 78 4.56 -7.67 28.21
C LEU C 78 3.28 -8.50 28.20
N TRP C 79 2.21 -7.94 28.72
CA TRP C 79 0.90 -8.63 28.87
C TRP C 79 -0.20 -7.69 28.39
N SER C 80 -0.79 -7.95 27.22
CA SER C 80 -1.75 -7.01 26.60
C SER C 80 -2.86 -7.76 25.87
N SER C 81 -4.05 -7.18 25.92
CA SER C 81 -5.29 -7.63 25.25
C SER C 81 -5.28 -7.21 23.78
N ALA C 82 -4.40 -6.28 23.40
CA ALA C 82 -4.25 -5.78 22.01
C ALA C 82 -3.45 -6.81 21.22
N MET C 83 -4.17 -7.83 20.78
CA MET C 83 -3.60 -9.09 20.23
C MET C 83 -2.70 -8.79 19.01
N GLU C 84 -3.15 -7.94 18.09
CA GLU C 84 -2.37 -7.64 16.86
C GLU C 84 -1.01 -7.03 17.26
N LEU C 85 -1.01 -6.07 18.17
CA LEU C 85 0.23 -5.37 18.62
C LEU C 85 1.20 -6.39 19.24
N GLN C 86 0.72 -7.28 20.11
CA GLN C 86 1.57 -8.31 20.77
C GLN C 86 2.11 -9.30 19.71
N VAL C 87 1.29 -9.76 18.77
CA VAL C 87 1.73 -10.75 17.75
C VAL C 87 2.70 -10.08 16.78
N LYS C 88 2.53 -8.78 16.56
CA LYS C 88 3.47 -8.02 15.69
C LYS C 88 4.84 -8.01 16.37
N LEU C 89 4.91 -7.58 17.62
CA LEU C 89 6.20 -7.47 18.35
C LEU C 89 6.90 -8.83 18.40
N ALA C 90 6.14 -9.86 18.74
CA ALA C 90 6.66 -11.23 18.97
C ALA C 90 7.12 -11.84 17.65
N SER C 91 6.60 -11.39 16.51
CA SER C 91 6.95 -11.97 15.19
C SER C 91 7.99 -11.08 14.49
N GLU C 92 8.49 -10.05 15.17
CA GLU C 92 9.45 -9.06 14.61
C GLU C 92 10.73 -9.03 15.46
N GLY C 93 10.94 -10.01 16.35
CA GLY C 93 12.25 -10.23 17.01
C GLY C 93 12.36 -9.56 18.37
N TYR C 94 11.25 -9.13 18.94
CA TYR C 94 11.19 -8.53 20.30
C TYR C 94 11.04 -9.62 21.37
N ALA C 95 10.80 -10.88 20.97
CA ALA C 95 10.41 -11.95 21.93
C ALA C 95 11.58 -12.90 22.21
N LEU C 96 11.75 -13.25 23.50
CA LEU C 96 12.63 -14.36 23.95
C LEU C 96 11.93 -15.67 23.65
N PRO C 97 12.52 -16.58 22.85
CA PRO C 97 11.91 -17.88 22.59
C PRO C 97 12.03 -18.71 23.88
N TYR C 98 10.90 -19.23 24.37
CA TYR C 98 10.85 -20.04 25.63
C TYR C 98 9.68 -21.03 25.54
N ASP C 99 10.00 -22.32 25.56
CA ASP C 99 8.97 -23.41 25.59
C ASP C 99 8.49 -23.49 27.04
N SER C 100 7.40 -22.81 27.41
CA SER C 100 6.85 -22.86 28.79
C SER C 100 6.40 -24.29 29.09
N PRO C 101 6.91 -24.89 30.18
CA PRO C 101 6.52 -26.25 30.57
C PRO C 101 5.04 -26.35 31.01
N GLU C 102 4.37 -25.21 31.22
CA GLU C 102 2.94 -25.16 31.62
C GLU C 102 2.05 -25.16 30.36
N ALA C 103 2.63 -25.12 29.15
CA ALA C 103 1.85 -24.84 27.92
C ALA C 103 1.82 -26.05 26.98
N LYS C 104 2.27 -27.23 27.42
CA LYS C 104 2.35 -28.40 26.49
C LYS C 104 0.95 -28.75 25.94
N ASN C 105 -0.10 -28.33 26.66
CA ASN C 105 -1.56 -28.50 26.44
C ASN C 105 -2.13 -27.44 25.48
N TRP C 106 -1.42 -26.33 25.26
CA TRP C 106 -2.00 -25.13 24.61
C TRP C 106 -2.33 -25.47 23.16
N PRO C 107 -3.56 -25.17 22.68
CA PRO C 107 -3.84 -25.32 21.24
C PRO C 107 -2.93 -24.38 20.41
N ALA C 108 -2.62 -24.79 19.18
CA ALA C 108 -1.63 -24.13 18.28
C ALA C 108 -2.10 -22.70 17.99
N ASN C 109 -3.41 -22.46 18.02
CA ASN C 109 -4.02 -21.12 17.77
C ASN C 109 -4.07 -20.29 19.07
N ALA C 110 -3.45 -20.74 20.16
CA ALA C 110 -3.37 -20.05 21.47
C ALA C 110 -1.92 -19.72 21.81
N ARG C 111 -1.00 -19.94 20.87
CA ARG C 111 0.45 -19.64 21.03
C ARG C 111 1.08 -19.37 19.66
N LEU C 112 2.04 -18.45 19.64
CA LEU C 112 2.92 -18.19 18.48
C LEU C 112 4.25 -18.95 18.57
N GLY C 113 4.21 -20.26 18.25
CA GLY C 113 5.29 -21.23 18.54
C GLY C 113 5.69 -21.16 20.00
N ASN C 114 6.94 -20.76 20.27
CA ASN C 114 7.51 -20.55 21.63
C ASN C 114 7.78 -19.06 21.86
N LEU C 115 7.20 -18.17 21.04
CA LEU C 115 7.49 -16.71 21.12
C LEU C 115 6.47 -15.99 22.05
N ALA C 116 5.22 -16.43 22.10
CA ALA C 116 4.15 -15.70 22.82
C ALA C 116 2.98 -16.65 23.11
N TYR C 117 2.26 -16.40 24.19
CA TYR C 117 1.20 -17.32 24.68
C TYR C 117 -0.10 -16.58 25.03
N SER C 118 -1.21 -17.24 24.76
CA SER C 118 -2.53 -16.85 25.31
C SER C 118 -2.46 -17.05 26.80
N THR C 119 -3.06 -16.15 27.56
CA THR C 119 -3.18 -16.28 29.03
C THR C 119 -4.65 -16.28 29.46
N THR C 120 -5.58 -15.96 28.54
CA THR C 120 -7.04 -15.84 28.84
C THR C 120 -7.88 -16.16 27.59
N LEU C 121 -9.19 -16.29 27.83
CA LEU C 121 -10.25 -16.45 26.81
C LEU C 121 -11.42 -15.60 27.28
N GLU C 122 -11.30 -14.30 26.99
CA GLU C 122 -12.18 -13.24 27.56
C GLU C 122 -13.21 -12.88 26.50
N PRO C 123 -14.50 -13.07 26.82
CA PRO C 123 -15.60 -12.66 25.94
C PRO C 123 -15.82 -11.15 25.92
N ALA C 124 -16.14 -10.63 24.74
CA ALA C 124 -16.73 -9.30 24.52
C ALA C 124 -18.24 -9.45 24.77
N VAL C 125 -18.74 -8.76 25.78
CA VAL C 125 -20.11 -8.99 26.33
C VAL C 125 -20.88 -7.68 26.32
N VAL C 126 -22.14 -7.77 26.71
CA VAL C 126 -23.03 -6.63 26.97
C VAL C 126 -23.11 -6.49 28.49
N VAL C 127 -22.85 -5.30 29.03
CA VAL C 127 -23.21 -5.00 30.42
C VAL C 127 -24.31 -3.93 30.39
N TYR C 128 -25.14 -3.89 31.42
CA TYR C 128 -26.32 -3.02 31.43
C TYR C 128 -26.64 -2.70 32.88
N ASN C 129 -27.36 -1.60 33.09
CA ASN C 129 -27.83 -1.16 34.41
C ASN C 129 -29.26 -1.68 34.62
N LYS C 130 -29.41 -2.68 35.50
CA LYS C 130 -30.69 -3.36 35.81
C LYS C 130 -31.75 -2.39 36.33
N ARG C 131 -31.43 -1.22 36.89
CA ARG C 131 -32.46 -0.21 37.25
CA ARG C 131 -32.41 -0.15 37.22
C ARG C 131 -33.23 0.20 35.97
N PHE C 132 -32.59 0.20 34.81
CA PHE C 132 -33.16 0.81 33.58
C PHE C 132 -33.42 -0.20 32.47
N LEU C 133 -32.66 -1.31 32.44
CA LEU C 133 -32.92 -2.45 31.53
C LEU C 133 -32.97 -3.72 32.37
N LYS C 134 -34.16 -4.29 32.52
CA LYS C 134 -34.33 -5.63 33.12
C LYS C 134 -33.68 -6.65 32.18
N PRO C 135 -33.09 -7.74 32.71
CA PRO C 135 -32.58 -8.83 31.89
C PRO C 135 -33.48 -9.26 30.71
N GLU C 136 -34.79 -9.43 30.95
CA GLU C 136 -35.80 -9.85 29.92
C GLU C 136 -35.77 -8.91 28.72
N GLU C 137 -35.34 -7.66 28.91
CA GLU C 137 -35.41 -6.58 27.88
C GLU C 137 -34.11 -6.48 27.07
N VAL C 138 -33.02 -7.14 27.49
CA VAL C 138 -31.71 -7.01 26.80
C VAL C 138 -31.57 -8.20 25.89
N PRO C 139 -31.67 -8.01 24.56
CA PRO C 139 -31.51 -9.11 23.61
C PRO C 139 -30.06 -9.59 23.68
N THR C 140 -29.82 -10.82 23.26
CA THR C 140 -28.49 -11.48 23.27
C THR C 140 -28.06 -11.72 21.83
N THR C 141 -28.68 -11.01 20.88
CA THR C 141 -28.30 -11.03 19.44
C THR C 141 -27.97 -9.62 18.95
N ARG C 142 -27.10 -9.52 17.96
CA ARG C 142 -26.76 -8.26 17.27
C ARG C 142 -28.01 -7.66 16.63
N GLU C 143 -28.83 -8.45 15.91
CA GLU C 143 -30.10 -7.99 15.28
C GLU C 143 -31.05 -7.46 16.37
N GLY C 144 -31.22 -8.19 17.47
CA GLY C 144 -32.05 -7.78 18.61
C GLY C 144 -31.57 -6.48 19.23
N LEU C 145 -30.26 -6.32 19.40
CA LEU C 145 -29.66 -5.10 20.01
C LEU C 145 -29.84 -3.94 19.03
N ALA C 146 -29.82 -4.22 17.74
CA ALA C 146 -30.02 -3.17 16.71
C ALA C 146 -31.45 -2.62 16.85
N ARG C 147 -32.44 -3.50 17.08
CA ARG C 147 -33.86 -3.12 17.31
C ARG C 147 -33.98 -2.31 18.61
N LEU C 148 -33.39 -2.77 19.71
CA LEU C 148 -33.48 -2.04 20.99
C LEU C 148 -32.94 -0.60 20.82
N LEU C 149 -31.86 -0.44 20.05
CA LEU C 149 -31.17 0.87 19.88
C LEU C 149 -31.96 1.78 18.90
N GLN C 150 -33.08 1.33 18.34
CA GLN C 150 -34.02 2.23 17.61
C GLN C 150 -34.91 2.99 18.60
N GLU C 151 -35.05 2.51 19.83
CA GLU C 151 -35.95 3.16 20.81
C GLU C 151 -35.40 4.55 21.17
N PRO C 152 -36.24 5.60 21.15
CA PRO C 152 -35.83 6.92 21.58
C PRO C 152 -35.22 6.96 23.00
N ARG C 153 -35.69 6.14 23.95
CA ARG C 153 -35.14 6.15 25.33
C ARG C 153 -33.68 5.66 25.34
N MET C 154 -33.24 4.88 24.36
CA MET C 154 -31.85 4.35 24.31
C MET C 154 -30.89 5.37 23.67
N ARG C 155 -31.39 6.41 23.04
CA ARG C 155 -30.54 7.43 22.40
C ARG C 155 -29.67 8.12 23.46
N GLY C 156 -28.35 8.09 23.29
CA GLY C 156 -27.37 8.60 24.25
C GLY C 156 -27.30 7.74 25.49
N ARG C 157 -27.80 6.49 25.44
CA ARG C 157 -27.76 5.55 26.60
C ARG C 157 -26.88 4.35 26.29
N VAL C 158 -26.10 4.39 25.22
CA VAL C 158 -25.31 3.23 24.72
C VAL C 158 -23.82 3.63 24.70
N ALA C 159 -22.96 2.72 25.14
CA ALA C 159 -21.49 2.92 25.22
C ALA C 159 -20.83 1.79 24.42
N THR C 160 -19.80 2.10 23.64
CA THR C 160 -18.92 1.03 23.10
C THR C 160 -17.49 1.59 23.00
N TRP C 161 -16.62 0.77 22.43
CA TRP C 161 -15.21 1.10 22.13
C TRP C 161 -15.08 2.30 21.17
N ASP C 162 -14.05 3.12 21.36
CA ASP C 162 -13.46 3.93 20.27
C ASP C 162 -12.30 3.14 19.68
N PRO C 163 -12.47 2.48 18.52
CA PRO C 163 -11.42 1.63 17.97
C PRO C 163 -10.25 2.45 17.38
N GLU C 164 -10.39 3.78 17.36
CA GLU C 164 -9.33 4.69 16.86
C GLU C 164 -8.49 5.16 18.05
N ARG C 165 -8.91 4.95 19.29
CA ARG C 165 -8.15 5.43 20.48
C ARG C 165 -7.71 4.26 21.38
N SER C 166 -8.30 3.05 21.23
CA SER C 166 -7.90 1.83 21.97
C SER C 166 -7.55 0.74 20.98
N ALA C 167 -6.38 0.12 21.10
CA ALA C 167 -5.90 -0.92 20.15
C ALA C 167 -6.72 -2.21 20.35
N VAL C 168 -7.15 -2.53 21.57
CA VAL C 168 -8.02 -3.72 21.81
C VAL C 168 -9.49 -3.44 21.40
N GLY C 169 -9.96 -2.20 21.60
CA GLY C 169 -11.21 -1.74 20.97
C GLY C 169 -11.26 -2.14 19.51
N PHE C 170 -10.16 -1.87 18.82
CA PHE C 170 -9.98 -2.21 17.39
C PHE C 170 -10.05 -3.73 17.24
N THR C 171 -9.27 -4.47 18.01
CA THR C 171 -9.20 -5.95 17.93
C THR C 171 -10.61 -6.52 18.00
N ILE C 172 -11.38 -6.07 18.99
CA ILE C 172 -12.73 -6.64 19.30
C ILE C 172 -13.74 -6.23 18.22
N LEU C 173 -13.83 -4.95 17.88
CA LEU C 173 -14.84 -4.51 16.90
C LEU C 173 -14.47 -5.02 15.51
N LYS C 174 -13.17 -5.09 15.18
CA LYS C 174 -12.67 -5.61 13.87
C LYS C 174 -13.06 -7.08 13.70
N ALA C 175 -12.78 -7.90 14.71
CA ALA C 175 -13.12 -9.34 14.71
C ALA C 175 -14.63 -9.48 14.56
N ASP C 176 -15.39 -8.61 15.23
CA ASP C 176 -16.87 -8.63 15.21
C ASP C 176 -17.32 -8.37 13.76
N TYR C 177 -16.80 -7.32 13.14
CA TYR C 177 -17.10 -6.91 11.75
C TYR C 177 -16.77 -8.05 10.76
N ASP C 178 -15.59 -8.67 10.92
CA ASP C 178 -15.14 -9.77 10.02
C ASP C 178 -16.07 -10.97 10.13
N ARG C 179 -16.47 -11.33 11.35
CA ARG C 179 -17.12 -12.62 11.64
C ARG C 179 -18.64 -12.55 11.48
N PHE C 180 -19.29 -11.44 11.84
CA PHE C 180 -20.78 -11.36 11.95
C PHE C 180 -21.30 -10.28 11.00
N PRO C 181 -21.97 -10.66 9.88
CA PRO C 181 -22.66 -9.67 9.04
C PRO C 181 -23.60 -8.76 9.85
N ALA C 182 -24.28 -9.30 10.87
CA ALA C 182 -25.27 -8.57 11.68
C ALA C 182 -24.59 -7.44 12.47
N PHE C 183 -23.26 -7.45 12.62
CA PHE C 183 -22.53 -6.33 13.26
C PHE C 183 -22.72 -5.05 12.45
N GLN C 184 -22.85 -5.17 11.12
CA GLN C 184 -23.06 -3.99 10.25
C GLN C 184 -24.36 -3.28 10.67
N GLU C 185 -25.45 -4.03 10.85
CA GLU C 185 -26.78 -3.47 11.24
C GLU C 185 -26.68 -2.90 12.66
N LEU C 186 -25.89 -3.51 13.52
CA LEU C 186 -25.72 -3.06 14.93
C LEU C 186 -24.96 -1.72 14.93
N ALA C 187 -23.83 -1.64 14.22
CA ALA C 187 -23.02 -0.41 14.13
C ALA C 187 -23.87 0.77 13.64
N ARG C 188 -24.75 0.58 12.64
CA ARG C 188 -25.64 1.64 12.14
C ARG C 188 -26.60 2.04 13.27
N ALA C 189 -27.03 1.10 14.11
CA ALA C 189 -27.90 1.40 15.27
C ALA C 189 -27.10 2.16 16.36
N PHE C 190 -25.78 1.95 16.46
CA PHE C 190 -24.88 2.74 17.36
C PHE C 190 -24.96 4.20 16.91
N GLY C 191 -25.00 4.44 15.60
CA GLY C 191 -25.21 5.78 15.01
C GLY C 191 -26.56 6.36 15.39
N LYS C 192 -27.63 5.64 15.09
CA LYS C 192 -29.03 5.98 15.44
C LYS C 192 -29.13 6.38 16.93
N ALA C 193 -28.52 5.60 17.82
CA ALA C 193 -28.58 5.76 19.29
C ALA C 193 -27.46 6.69 19.77
N GLN C 194 -26.66 7.23 18.84
CA GLN C 194 -25.55 8.15 19.14
C GLN C 194 -24.70 7.58 20.29
N ALA C 195 -24.27 6.32 20.14
CA ALA C 195 -23.37 5.62 21.05
C ALA C 195 -22.20 6.53 21.44
N ALA C 196 -21.84 6.59 22.72
CA ALA C 196 -20.58 7.25 23.15
C ALA C 196 -19.44 6.22 23.09
N LEU C 197 -18.26 6.64 22.64
CA LEU C 197 -17.12 5.74 22.38
C LEU C 197 -16.04 6.01 23.42
N TYR C 198 -15.57 4.97 24.10
CA TYR C 198 -14.59 5.08 25.21
C TYR C 198 -13.32 4.30 24.85
N SER C 199 -12.19 4.73 25.40
CA SER C 199 -10.87 4.12 25.15
C SER C 199 -10.52 3.18 26.31
N SER C 200 -11.38 3.06 27.32
CA SER C 200 -11.18 2.08 28.41
C SER C 200 -12.50 1.53 28.94
N THR C 201 -12.45 0.30 29.42
CA THR C 201 -13.60 -0.36 30.05
C THR C 201 -14.08 0.47 31.25
N GLY C 202 -13.13 0.90 32.11
CA GLY C 202 -13.47 1.66 33.32
C GLY C 202 -14.34 2.86 33.02
N ALA C 203 -14.02 3.60 31.97
CA ALA C 203 -14.73 4.84 31.64
C ALA C 203 -16.13 4.49 31.13
N ALA C 204 -16.31 3.39 30.36
CA ALA C 204 -17.65 2.96 29.91
C ALA C 204 -18.46 2.51 31.13
N PHE C 205 -17.86 1.66 31.95
CA PHE C 205 -18.55 1.03 33.11
C PHE C 205 -19.10 2.10 34.07
N GLU C 206 -18.32 3.14 34.38
CA GLU C 206 -18.76 4.13 35.41
C GLU C 206 -19.95 4.92 34.86
N LYS C 207 -20.06 5.08 33.55
CA LYS C 207 -21.26 5.72 32.92
C LYS C 207 -22.51 4.81 33.00
N VAL C 208 -22.34 3.49 32.83
CA VAL C 208 -23.46 2.51 32.96
C VAL C 208 -23.90 2.44 34.42
N ILE C 209 -22.93 2.46 35.32
CA ILE C 209 -23.20 2.42 36.78
C ILE C 209 -23.97 3.67 37.23
N SER C 210 -23.57 4.86 36.80
CA SER C 210 -24.24 6.13 37.22
C SER C 210 -25.61 6.27 36.52
N GLY C 211 -25.90 5.48 35.47
CA GLY C 211 -27.16 5.59 34.71
C GLY C 211 -27.08 6.59 33.57
N GLU C 212 -25.93 7.25 33.37
CA GLU C 212 -25.72 8.16 32.22
C GLU C 212 -25.86 7.35 30.92
N HIS C 213 -25.46 6.08 30.91
CA HIS C 213 -25.77 5.12 29.83
C HIS C 213 -26.47 3.93 30.48
N TYR C 214 -27.23 3.17 29.72
CA TYR C 214 -27.98 1.99 30.22
C TYR C 214 -27.27 0.72 29.75
N LEU C 215 -26.43 0.79 28.72
CA LEU C 215 -25.86 -0.43 28.10
C LEU C 215 -24.50 -0.15 27.49
N ALA C 216 -23.56 -1.07 27.63
CA ALA C 216 -22.22 -1.02 27.00
C ALA C 216 -22.02 -2.30 26.20
N TYR C 217 -21.52 -2.17 24.98
CA TYR C 217 -21.27 -3.31 24.09
C TYR C 217 -19.77 -3.49 23.86
N GLY C 218 -19.30 -4.72 24.10
CA GLY C 218 -18.01 -5.24 23.63
C GLY C 218 -16.90 -5.14 24.67
N PHE C 219 -17.20 -4.78 25.92
CA PHE C 219 -16.20 -4.75 27.02
C PHE C 219 -16.06 -6.16 27.63
N PHE C 220 -15.00 -6.34 28.42
CA PHE C 220 -14.49 -7.66 28.85
C PHE C 220 -15.42 -8.24 29.92
N GLY C 221 -15.86 -9.47 29.71
CA GLY C 221 -16.53 -10.25 30.75
C GLY C 221 -15.76 -10.19 32.05
N SER C 222 -14.41 -10.32 32.02
CA SER C 222 -13.55 -10.33 33.24
C SER C 222 -13.90 -9.15 34.15
N TYR C 223 -13.85 -7.93 33.62
CA TYR C 223 -14.02 -6.68 34.41
C TYR C 223 -15.48 -6.59 34.91
N ALA C 224 -16.42 -7.01 34.06
CA ALA C 224 -17.85 -7.02 34.35
C ALA C 224 -18.10 -7.91 35.57
N LEU C 225 -17.62 -9.17 35.52
CA LEU C 225 -17.81 -10.15 36.63
C LEU C 225 -17.24 -9.53 37.92
N LEU C 226 -16.02 -9.01 37.89
CA LEU C 226 -15.39 -8.45 39.12
C LEU C 226 -16.22 -7.27 39.62
N ARG C 227 -16.68 -6.39 38.73
CA ARG C 227 -17.43 -5.19 39.17
C ARG C 227 -18.78 -5.58 39.81
N GLN C 228 -19.40 -6.65 39.34
CA GLN C 228 -20.64 -7.25 39.92
C GLN C 228 -20.50 -7.52 41.44
N ARG C 229 -19.31 -7.86 41.92
CA ARG C 229 -19.14 -8.06 43.40
C ARG C 229 -19.63 -6.83 44.15
N THR C 230 -19.37 -5.65 43.64
CA THR C 230 -19.69 -4.38 44.35
C THR C 230 -20.90 -3.66 43.74
N VAL C 231 -21.38 -4.06 42.56
CA VAL C 231 -22.48 -3.34 41.84
C VAL C 231 -23.56 -4.36 41.49
N LYS C 232 -24.55 -4.48 42.37
CA LYS C 232 -25.77 -5.33 42.24
C LYS C 232 -26.49 -5.00 40.94
N ASP C 233 -26.56 -3.72 40.58
CA ASP C 233 -27.37 -3.33 39.40
C ASP C 233 -26.61 -3.60 38.10
N LEU C 234 -25.36 -4.04 38.12
CA LEU C 234 -24.63 -4.35 36.88
C LEU C 234 -25.04 -5.74 36.37
N GLY C 235 -25.72 -5.81 35.22
CA GLY C 235 -26.07 -7.07 34.54
C GLY C 235 -25.09 -7.38 33.42
N ILE C 236 -24.93 -8.65 33.11
CA ILE C 236 -24.10 -9.10 31.96
C ILE C 236 -24.98 -9.95 31.05
N ALA C 237 -25.01 -9.69 29.75
CA ALA C 237 -25.59 -10.63 28.76
C ALA C 237 -24.49 -11.07 27.80
N TYR C 238 -24.45 -12.37 27.54
CA TYR C 238 -23.54 -13.04 26.59
C TYR C 238 -24.30 -13.24 25.26
N LEU C 239 -23.62 -12.99 24.15
CA LEU C 239 -24.22 -12.99 22.79
C LEU C 239 -24.36 -14.42 22.24
N THR C 240 -25.61 -14.84 22.02
CA THR C 240 -26.04 -16.20 21.58
C THR C 240 -25.99 -16.35 20.05
N ASP C 241 -25.90 -15.27 19.29
CA ASP C 241 -25.67 -15.32 17.81
C ASP C 241 -24.17 -15.49 17.55
N GLY C 242 -23.32 -15.18 18.52
CA GLY C 242 -21.87 -15.41 18.43
C GLY C 242 -21.13 -14.46 19.36
N THR C 243 -20.15 -14.96 20.09
CA THR C 243 -19.31 -14.16 21.02
C THR C 243 -17.87 -14.14 20.50
N VAL C 244 -17.34 -12.94 20.40
CA VAL C 244 -15.90 -12.66 20.16
C VAL C 244 -15.21 -12.83 21.51
N ALA C 245 -14.12 -13.60 21.54
CA ALA C 245 -13.25 -13.77 22.73
C ALA C 245 -11.83 -13.38 22.34
N ILE C 246 -11.23 -12.46 23.11
CA ILE C 246 -9.79 -12.09 22.97
C ILE C 246 -9.01 -13.05 23.88
N GLN C 247 -7.73 -13.24 23.55
CA GLN C 247 -6.75 -13.97 24.36
C GLN C 247 -5.65 -12.96 24.69
N ARG C 248 -5.58 -12.51 25.94
CA ARG C 248 -4.46 -11.67 26.44
C ARG C 248 -3.13 -12.38 26.16
N VAL C 249 -2.25 -11.79 25.34
CA VAL C 249 -0.95 -12.39 24.95
C VAL C 249 0.14 -11.88 25.89
N ALA C 250 0.91 -12.80 26.45
CA ALA C 250 2.13 -12.49 27.23
C ALA C 250 3.32 -12.96 26.40
N PHE C 251 4.35 -12.12 26.32
CA PHE C 251 5.68 -12.56 25.86
C PHE C 251 6.76 -11.98 26.76
N ILE C 252 7.92 -12.64 26.74
CA ILE C 252 9.17 -12.18 27.40
C ILE C 252 9.96 -11.31 26.42
N ASN C 253 10.42 -10.17 26.92
CA ASN C 253 11.33 -9.25 26.20
C ASN C 253 12.67 -9.96 25.95
N LYS C 254 13.00 -10.18 24.68
CA LYS C 254 14.29 -10.76 24.25
C LYS C 254 15.41 -10.05 25.03
N ARG C 255 15.31 -8.73 25.16
CA ARG C 255 16.35 -7.87 25.78
C ARG C 255 16.04 -7.62 27.26
N ALA C 256 15.22 -8.46 27.91
CA ALA C 256 14.89 -8.30 29.35
C ALA C 256 16.18 -8.22 30.17
N ALA C 257 16.22 -7.32 31.16
CA ALA C 257 17.29 -7.30 32.19
C ALA C 257 17.08 -8.50 33.12
N HIS C 258 15.83 -8.97 33.28
CA HIS C 258 15.47 -10.05 34.23
C HIS C 258 14.71 -11.15 33.49
N PRO C 259 15.34 -11.84 32.51
CA PRO C 259 14.64 -12.85 31.71
C PRO C 259 14.08 -14.02 32.53
N ASN C 260 14.75 -14.42 33.60
CA ASN C 260 14.37 -15.64 34.36
C ASN C 260 13.17 -15.31 35.27
N ALA C 261 13.16 -14.13 35.88
CA ALA C 261 11.98 -13.63 36.64
C ALA C 261 10.77 -13.63 35.71
N ALA C 262 10.97 -13.23 34.46
CA ALA C 262 9.89 -13.17 33.45
C ALA C 262 9.42 -14.60 33.11
N LYS C 263 10.34 -15.55 32.96
CA LYS C 263 10.01 -16.97 32.75
C LYS C 263 9.13 -17.44 33.90
N LEU C 264 9.51 -17.13 35.16
CA LEU C 264 8.74 -17.59 36.34
C LEU C 264 7.33 -17.02 36.24
N PHE C 265 7.20 -15.76 35.84
CA PHE C 265 5.89 -15.06 35.84
C PHE C 265 5.04 -15.65 34.71
N LEU C 266 5.64 -15.86 33.53
CA LEU C 266 4.89 -16.42 32.38
C LEU C 266 4.36 -17.79 32.79
N ASP C 267 5.23 -18.66 33.31
CA ASP C 267 4.84 -20.02 33.74
C ASP C 267 3.74 -19.91 34.81
N TYR C 268 3.86 -18.98 35.75
CA TYR C 268 2.85 -18.75 36.81
C TYR C 268 1.51 -18.46 36.13
N LEU C 269 1.47 -17.51 35.19
CA LEU C 269 0.21 -17.13 34.52
C LEU C 269 -0.46 -18.34 33.87
N LEU C 270 0.33 -19.25 33.28
CA LEU C 270 -0.22 -20.33 32.44
C LEU C 270 -0.53 -21.54 33.30
N SER C 271 0.06 -21.59 34.50
CA SER C 271 -0.05 -22.74 35.44
C SER C 271 -1.51 -22.93 35.88
N LEU C 272 -1.84 -24.14 36.34
CA LEU C 272 -3.13 -24.44 37.02
C LEU C 272 -3.34 -23.45 38.16
N ARG C 273 -2.32 -23.20 38.98
CA ARG C 273 -2.45 -22.28 40.13
C ARG C 273 -2.89 -20.88 39.64
N GLY C 274 -2.18 -20.31 38.67
CA GLY C 274 -2.45 -18.95 38.18
C GLY C 274 -3.81 -18.91 37.47
N GLN C 275 -4.14 -19.96 36.70
CA GLN C 275 -5.39 -20.00 35.90
C GLN C 275 -6.58 -20.17 36.88
N ASN C 276 -6.42 -20.92 37.97
CA ASN C 276 -7.52 -21.07 38.96
C ASN C 276 -7.72 -19.76 39.73
N LEU C 277 -6.63 -19.09 40.09
CA LEU C 277 -6.73 -17.79 40.81
C LEU C 277 -7.41 -16.77 39.89
N MET C 278 -7.08 -16.79 38.60
CA MET C 278 -7.84 -16.01 37.60
C MET C 278 -9.33 -16.33 37.72
N ALA C 279 -9.74 -17.60 37.63
CA ALA C 279 -11.15 -18.04 37.44
C ALA C 279 -11.95 -17.69 38.71
N TYR C 280 -11.32 -17.86 39.87
CA TYR C 280 -12.01 -17.91 41.18
C TYR C 280 -11.88 -16.54 41.87
N THR C 281 -10.70 -15.94 41.92
CA THR C 281 -10.41 -14.75 42.78
C THR C 281 -10.39 -13.45 41.95
N ALA C 282 -9.67 -13.40 40.83
CA ALA C 282 -9.59 -12.19 39.98
C ALA C 282 -10.85 -12.07 39.11
N LEU C 283 -11.56 -13.17 38.87
CA LEU C 283 -12.63 -13.30 37.85
C LEU C 283 -12.13 -12.78 36.49
N ILE C 284 -10.89 -13.11 36.17
CA ILE C 284 -10.35 -13.09 34.77
C ILE C 284 -10.74 -14.41 34.09
N PHE C 285 -11.47 -14.35 32.98
CA PHE C 285 -11.89 -15.56 32.21
C PHE C 285 -10.63 -16.30 31.79
N ALA C 286 -10.36 -17.44 32.43
CA ALA C 286 -9.12 -18.22 32.20
C ALA C 286 -9.13 -18.84 30.80
N ARG C 287 -7.92 -19.25 30.36
CA ARG C 287 -7.66 -19.95 29.08
C ARG C 287 -7.84 -21.47 29.28
N ARG C 288 -7.33 -22.04 30.37
CA ARG C 288 -7.48 -23.48 30.69
C ARG C 288 -8.93 -23.79 30.97
N GLU C 289 -9.47 -24.88 30.43
CA GLU C 289 -10.82 -25.40 30.77
C GLU C 289 -10.78 -26.24 32.07
N THR C 290 -9.59 -26.42 32.67
CA THR C 290 -9.31 -27.18 33.92
C THR C 290 -9.38 -26.27 35.14
N VAL C 291 -10.27 -25.28 35.17
CA VAL C 291 -10.29 -24.29 36.27
C VAL C 291 -11.64 -24.33 36.97
N VAL C 292 -11.70 -23.65 38.11
CA VAL C 292 -12.64 -23.85 39.25
C VAL C 292 -13.28 -22.49 39.54
N GLY C 293 -14.55 -22.30 39.20
CA GLY C 293 -15.21 -20.97 39.24
C GLY C 293 -16.05 -20.72 38.00
N GLU C 294 -16.47 -19.47 37.83
CA GLU C 294 -17.49 -19.03 36.85
C GLU C 294 -16.83 -18.19 35.75
N ALA C 295 -15.52 -17.93 35.85
CA ALA C 295 -14.76 -17.22 34.80
C ALA C 295 -13.89 -18.26 34.10
N THR C 296 -14.52 -19.18 33.38
CA THR C 296 -13.91 -20.35 32.69
C THR C 296 -14.51 -20.47 31.29
N PRO C 297 -13.79 -21.10 30.35
CA PRO C 297 -14.39 -21.39 29.05
C PRO C 297 -15.72 -22.16 29.18
N GLN C 298 -15.78 -23.20 30.00
CA GLN C 298 -17.03 -24.00 30.19
C GLN C 298 -18.21 -23.09 30.60
N ALA C 299 -18.02 -22.10 31.48
CA ALA C 299 -19.08 -21.14 31.89
C ALA C 299 -19.48 -20.30 30.67
N LEU C 300 -18.51 -19.83 29.88
CA LEU C 300 -18.79 -19.01 28.66
C LEU C 300 -19.59 -19.84 27.64
N TYR C 301 -19.16 -21.05 27.32
CA TYR C 301 -19.83 -21.97 26.35
C TYR C 301 -21.27 -22.19 26.76
N LYS C 302 -21.51 -22.42 28.05
CA LYS C 302 -22.89 -22.61 28.61
C LYS C 302 -23.73 -21.33 28.32
N ALA C 303 -23.20 -20.13 28.63
CA ALA C 303 -23.89 -18.82 28.56
C ALA C 303 -24.30 -18.49 27.12
N VAL C 304 -23.47 -18.84 26.14
CA VAL C 304 -23.69 -18.46 24.72
C VAL C 304 -24.39 -19.60 23.98
N GLY C 305 -24.60 -20.76 24.60
CA GLY C 305 -25.27 -21.91 23.96
C GLY C 305 -24.34 -22.76 23.10
N GLY C 306 -23.07 -22.91 23.48
CA GLY C 306 -22.13 -23.88 22.87
C GLY C 306 -20.79 -23.28 22.47
N LYS C 307 -19.70 -24.03 22.67
CA LYS C 307 -18.34 -23.64 22.21
C LYS C 307 -18.36 -23.16 20.74
N ASP C 308 -19.24 -23.70 19.88
CA ASP C 308 -19.26 -23.32 18.43
C ASP C 308 -19.75 -21.87 18.25
N LYS C 309 -20.38 -21.26 19.26
CA LYS C 309 -20.88 -19.87 19.20
C LYS C 309 -19.78 -18.91 19.66
N VAL C 310 -18.58 -19.41 19.96
CA VAL C 310 -17.44 -18.55 20.39
C VAL C 310 -16.42 -18.49 19.27
N TYR C 311 -16.13 -17.29 18.74
CA TYR C 311 -14.94 -17.04 17.89
C TYR C 311 -13.83 -16.50 18.80
N ALA C 312 -12.95 -17.40 19.22
CA ALA C 312 -11.67 -17.10 19.88
C ALA C 312 -10.74 -16.54 18.80
N ILE C 313 -10.32 -15.29 18.91
CA ILE C 313 -9.31 -14.68 18.00
C ILE C 313 -7.99 -15.41 18.19
N PRO C 314 -7.41 -15.98 17.11
CA PRO C 314 -6.22 -16.81 17.31
C PRO C 314 -4.98 -15.97 17.65
N VAL C 315 -4.09 -16.54 18.43
CA VAL C 315 -2.67 -16.09 18.55
C VAL C 315 -1.93 -16.69 17.36
N SER C 316 -1.95 -15.96 16.25
CA SER C 316 -1.51 -16.32 14.89
C SER C 316 -1.13 -15.02 14.15
N THR C 317 -0.10 -15.09 13.34
CA THR C 317 0.32 -14.00 12.43
C THR C 317 -0.81 -13.71 11.43
N GLU C 318 -1.82 -14.57 11.25
CA GLU C 318 -2.94 -14.26 10.32
C GLU C 318 -3.68 -13.02 10.77
N ILE C 319 -3.65 -12.68 12.07
CA ILE C 319 -4.42 -11.50 12.57
C ILE C 319 -3.68 -10.20 12.21
N LEU C 320 -2.41 -10.28 11.79
CA LEU C 320 -1.66 -9.07 11.37
C LEU C 320 -2.33 -8.50 10.11
N LYS C 321 -3.16 -9.28 9.42
CA LYS C 321 -3.93 -8.75 8.26
C LYS C 321 -4.78 -7.56 8.73
N ASN C 322 -5.19 -7.46 10.00
CA ASN C 322 -6.05 -6.32 10.45
C ASN C 322 -5.25 -5.00 10.53
N LEU C 323 -3.91 -5.07 10.51
CA LEU C 323 -3.04 -3.85 10.48
C LEU C 323 -2.65 -3.51 9.04
N ASP C 324 -3.08 -4.29 8.04
CA ASP C 324 -2.87 -3.94 6.62
C ASP C 324 -3.63 -2.65 6.29
N PRO C 325 -2.97 -1.67 5.62
CA PRO C 325 -3.62 -0.40 5.27
C PRO C 325 -5.05 -0.56 4.71
N ALA C 326 -5.23 -1.40 3.67
CA ALA C 326 -6.49 -1.56 2.92
C ALA C 326 -7.57 -2.13 3.84
N GLU C 327 -7.17 -3.07 4.68
CA GLU C 327 -8.07 -3.75 5.66
C GLU C 327 -8.52 -2.76 6.75
N ARG C 328 -7.57 -2.00 7.32
CA ARG C 328 -7.88 -0.95 8.33
C ARG C 328 -8.84 0.09 7.73
N MET C 329 -8.56 0.53 6.51
CA MET C 329 -9.35 1.56 5.78
C MET C 329 -10.80 1.10 5.69
N ARG C 330 -11.06 -0.13 5.19
CA ARG C 330 -12.44 -0.59 4.93
C ARG C 330 -13.20 -0.61 6.26
N PHE C 331 -12.56 -1.08 7.33
CA PHE C 331 -13.25 -1.16 8.64
C PHE C 331 -13.48 0.25 9.19
N LEU C 332 -12.46 1.11 9.27
CA LEU C 332 -12.60 2.43 9.94
C LEU C 332 -13.53 3.35 9.10
N THR C 333 -13.52 3.21 7.78
CA THR C 333 -14.44 3.98 6.88
C THR C 333 -15.87 3.56 7.18
N PHE C 334 -16.11 2.24 7.27
CA PHE C 334 -17.47 1.73 7.53
C PHE C 334 -17.92 2.25 8.90
N TRP C 335 -17.04 2.14 9.89
CA TRP C 335 -17.30 2.49 11.31
C TRP C 335 -17.65 3.97 11.46
N ARG C 336 -16.77 4.85 10.96
CA ARG C 336 -16.95 6.33 11.07
C ARG C 336 -18.30 6.73 10.43
N GLN C 337 -18.56 6.25 9.21
CA GLN C 337 -19.86 6.45 8.51
C GLN C 337 -20.99 6.02 9.46
N ALA C 338 -20.97 4.76 9.90
CA ALA C 338 -22.02 4.06 10.69
C ALA C 338 -22.36 4.80 11.98
N VAL C 339 -21.38 5.27 12.75
CA VAL C 339 -21.62 5.82 14.11
C VAL C 339 -21.80 7.35 14.11
N ARG C 340 -21.65 8.07 12.99
CA ARG C 340 -21.88 9.55 12.93
C ARG C 340 -23.33 9.88 12.54
MG MG D . 27.51 12.94 -7.56
C1 CIT E . 24.56 12.17 -6.61
O1 CIT E . 25.80 12.11 -6.44
O2 CIT E . 23.85 11.17 -6.85
C2 CIT E . 23.91 13.54 -6.51
C3 CIT E . 24.88 14.72 -6.59
O7 CIT E . 25.68 14.49 -7.75
C4 CIT E . 24.10 16.04 -6.66
C5 CIT E . 23.42 16.42 -7.97
O3 CIT E . 22.26 16.83 -7.91
O4 CIT E . 24.07 16.38 -9.02
C6 CIT E . 25.79 14.76 -5.32
O5 CIT E . 25.23 14.69 -4.19
O6 CIT E . 27.01 14.92 -5.50
C1 PEG F . 15.80 -9.74 -7.23
O1 PEG F . 15.46 -11.04 -6.79
C2 PEG F . 14.80 -8.72 -6.79
O2 PEG F . 15.41 -7.76 -5.93
C3 PEG F . 14.51 -6.72 -5.53
C4 PEG F . 13.21 -7.31 -5.04
O4 PEG F . 12.65 -6.60 -3.96
MG MG G . -15.17 -4.21 -27.94
C1 CIT H . -13.96 -3.50 -24.88
O1 CIT H . -13.18 -2.53 -24.64
O2 CIT H . -15.06 -3.41 -25.47
C2 CIT H . -13.54 -4.89 -24.43
C3 CIT H . -14.19 -6.04 -25.19
O7 CIT H . -13.80 -5.93 -26.55
C4 CIT H . -13.68 -7.33 -24.57
C5 CIT H . -12.22 -7.70 -24.86
O3 CIT H . -11.54 -8.17 -23.94
O4 CIT H . -11.82 -7.53 -26.03
C6 CIT H . -15.75 -6.00 -25.10
O5 CIT H . -16.30 -5.67 -24.03
O6 CIT H . -16.38 -6.33 -26.13
C1 EDO I . 10.02 -5.28 -30.50
O1 EDO I . 10.98 -5.93 -29.69
C2 EDO I . 9.77 -3.92 -29.99
O2 EDO I . 10.98 -3.20 -29.78
C1 EDO J . -6.35 7.01 -7.62
O1 EDO J . -5.58 6.24 -8.56
C2 EDO J . -7.82 6.86 -7.76
O2 EDO J . -8.45 7.78 -8.66
C1 PEG K . -22.24 -3.91 -28.26
O1 PEG K . -21.69 -2.64 -28.49
C2 PEG K . -22.83 -4.02 -26.90
O2 PEG K . -24.04 -3.28 -26.85
C3 PEG K . -23.88 -1.97 -26.32
C4 PEG K . -24.14 -0.94 -27.38
O4 PEG K . -22.97 -0.19 -27.69
C1 PEG L . -7.68 15.79 -17.70
O1 PEG L . -7.67 15.84 -16.29
C2 PEG L . -8.06 17.11 -18.28
O2 PEG L . -8.94 17.77 -17.38
C3 PEG L . -9.29 19.09 -17.79
C4 PEG L . -10.46 19.02 -18.71
O4 PEG L . -10.29 19.82 -19.87
MG MG M . -6.72 -1.81 31.40
C1 CIT N . -7.68 -3.57 28.86
O1 CIT N . -7.82 -3.25 30.08
O2 CIT N . -7.47 -4.74 28.47
C2 CIT N . -7.79 -2.48 27.79
C3 CIT N . -7.80 -1.04 28.29
O7 CIT N . -6.56 -0.78 28.91
C4 CIT N . -7.99 -0.07 27.12
C5 CIT N . -6.88 -0.01 26.08
O3 CIT N . -5.73 0.15 26.48
O4 CIT N . -7.17 -0.11 24.87
C6 CIT N . -8.96 -0.83 29.33
O5 CIT N . -8.67 -0.22 30.40
O6 CIT N . -10.10 -1.30 29.07
C1 EDO O . -3.87 -3.13 46.97
O1 EDO O . -3.76 -4.43 47.51
C2 EDO O . -3.22 -2.12 47.81
O2 EDO O . -1.89 -1.86 47.41
C1 EDO P . -38.21 -1.58 25.94
O1 EDO P . -38.01 -2.34 24.76
C2 EDO P . -37.02 -1.56 26.80
O2 EDO P . -36.64 -0.26 27.18
C1 PEG Q . -11.95 -4.09 36.81
O1 PEG Q . -10.80 -4.66 37.41
C2 PEG Q . -11.61 -3.13 35.70
O2 PEG Q . -11.64 -1.78 36.17
C3 PEG Q . -12.56 -0.95 35.49
C4 PEG Q . -13.81 -0.77 36.31
O4 PEG Q . -14.50 -1.99 36.57
C1 PGR R . -8.57 -9.57 42.34
C2 PGR R . -8.83 -8.81 43.63
C3 PGR R . -10.19 -9.15 44.18
O1 PGR R . -7.25 -9.33 41.89
O2 PGR R . -7.80 -9.13 44.56
#